data_7OPK
#
_entry.id   7OPK
#
_cell.length_a   198.780
_cell.length_b   198.780
_cell.length_c   69.140
_cell.angle_alpha   90.000
_cell.angle_beta   90.000
_cell.angle_gamma   120.000
#
_symmetry.space_group_name_H-M   'P 31 2 1'
#
loop_
_entity.id
_entity.type
_entity.pdbx_description
1 polymer "5'-3' exoribonuclease"
2 non-polymer 'MAGNESIUM ION'
3 water water
#
_entity_poly.entity_id   1
_entity_poly.type   'polypeptide(L)'
_entity_poly.pdbx_seq_one_letter_code
;MGIPAAFRWLSNKYPKIISPVVEERPIVMPDGTEIPVDATRPNPNGEEFDNLYLDMNGIVHPCSHPEDKPAPKDEEEMMI
EIFKYTDRIVKMVRPRKILMIAVDGVAPRAKMNQQRSRRFRAAQEAKEKEEEKKQLLKMLRKEKGSNMQEEPLETVVKKA
FDSNSITPGTPFMDILAASLRYWCAYKLNTDPAWAKLKVIISDATVPGEGEHKIMEFIRSQRSSPEHNPNTRHVIYGLDA
DLIMLGLATHEPHFRVLREDVFFQEAKARLCKLCGQKGHDERSCKGEAKQKQGEFDEKDHAQPLKPFIWLHVSILREYLA
AELEVPNLPFRWDLERAIDDWVFLCFFVGNDFLPHLPALEIRENGIDTLTAIWKDNLPIMGGYLTKDGHVDLERAQYILN
GLAKQEDAIFRRRREVEERREANAKRRKLNQQGAHAKGAADSHAGKSGRKHVPEAAGPLPGMALFPITNPPPPAITHDMV
MKGRSVDQANLANKSAASVLKSQIQSMMAQKAATNANGAEKDVSADGTTTAPASALGKRKAELIEEDAATNTDTDSVTDG
TGSDNEGPVDTVRLWEEGYADRYYEQKFKVDPKDIEFRHKVGRAYAEGLAWVLQYYYQGCPSWEWFYPYHYAPFAADFVD
LAKMEIKFEKGRISRPFEQLMSVLPAASRHAIPEVYHDLMTDPNSPIIDFYPEEFEIDLNGKKMAWQGVALLPFIEMPRL
LAAMKEREHLLSEEDRARNEPGFDVLLISDAHPGLYEDITSHFYSKKQGAPKFKLNPRRSDGLAGKVEKIEGYVPHGSLV
YPLARNSMPDVDYDRSITVRYIMPSSAHQHKSMLLRGVKLPPPALSRSDIEIIRSKAKNAGRSYGGAPLRNNYNSLEHHH
HHH
;
_entity_poly.pdbx_strand_id   A
#
# COMPACT_ATOMS: atom_id res chain seq x y z
N GLY A 2 -4.89 3.80 -1.57
CA GLY A 2 -4.87 4.98 -2.41
C GLY A 2 -5.85 6.03 -1.97
N ILE A 3 -5.33 7.23 -1.68
CA ILE A 3 -6.18 8.35 -1.29
C ILE A 3 -5.91 9.51 -2.23
N PRO A 4 -6.63 9.62 -3.34
CA PRO A 4 -6.34 10.68 -4.31
C PRO A 4 -6.53 12.06 -3.70
N ALA A 5 -5.64 12.98 -4.08
CA ALA A 5 -5.58 14.37 -3.63
C ALA A 5 -5.15 14.51 -2.18
N ALA A 6 -4.93 13.41 -1.45
CA ALA A 6 -4.50 13.53 -0.06
C ALA A 6 -3.09 14.12 0.03
N PHE A 7 -2.22 13.80 -0.92
CA PHE A 7 -0.86 14.34 -0.85
C PHE A 7 -0.85 15.82 -1.18
N ARG A 8 -1.54 16.22 -2.25
CA ARG A 8 -1.60 17.63 -2.60
C ARG A 8 -2.23 18.45 -1.49
N TRP A 9 -3.07 17.82 -0.66
CA TRP A 9 -3.69 18.54 0.45
C TRP A 9 -2.73 18.67 1.62
N LEU A 10 -2.12 17.56 2.06
CA LEU A 10 -1.23 17.62 3.22
C LEU A 10 -0.04 18.52 2.96
N SER A 11 0.53 18.46 1.75
CA SER A 11 1.70 19.28 1.47
C SER A 11 1.36 20.76 1.39
N ASN A 12 0.11 21.11 1.06
CA ASN A 12 -0.29 22.52 1.10
C ASN A 12 -0.57 22.98 2.53
N LYS A 13 -1.31 22.17 3.30
CA LYS A 13 -1.61 22.55 4.68
C LYS A 13 -0.36 22.51 5.55
N TYR A 14 0.45 21.47 5.41
CA TYR A 14 1.61 21.24 6.27
C TYR A 14 2.87 21.30 5.41
N PRO A 15 3.33 22.50 5.04
CA PRO A 15 4.37 22.58 4.01
C PRO A 15 5.71 22.01 4.43
N LYS A 16 6.11 22.19 5.68
CA LYS A 16 7.46 21.83 6.10
C LYS A 16 7.70 20.32 6.14
N ILE A 17 6.69 19.49 5.87
CA ILE A 17 6.91 18.05 5.80
C ILE A 17 7.60 17.61 4.51
N ILE A 18 7.77 18.52 3.55
CA ILE A 18 8.38 18.21 2.27
C ILE A 18 9.74 18.87 2.19
N SER A 19 10.73 18.15 1.69
CA SER A 19 12.07 18.68 1.44
C SER A 19 12.67 17.91 0.28
N PRO A 20 13.50 18.56 -0.54
CA PRO A 20 14.05 17.88 -1.72
C PRO A 20 15.07 16.83 -1.33
N VAL A 21 15.16 15.80 -2.17
CA VAL A 21 16.15 14.74 -2.00
C VAL A 21 17.43 15.19 -2.70
N VAL A 22 18.53 15.21 -1.95
CA VAL A 22 19.84 15.45 -2.53
C VAL A 22 20.32 14.16 -3.17
N GLU A 23 20.39 14.14 -4.50
CA GLU A 23 20.81 12.98 -5.25
C GLU A 23 22.11 13.30 -5.97
N GLU A 24 23.16 12.54 -5.66
CA GLU A 24 24.43 12.67 -6.36
C GLU A 24 24.30 12.10 -7.77
N ARG A 25 24.83 12.82 -8.77
CA ARG A 25 24.66 12.29 -10.11
C ARG A 25 25.96 11.66 -10.63
N PRO A 26 25.87 10.67 -11.51
CA PRO A 26 27.09 10.05 -12.03
C PRO A 26 27.83 10.98 -12.97
N ILE A 27 29.15 10.84 -13.01
CA ILE A 27 30.00 11.55 -13.96
C ILE A 27 30.01 10.77 -15.26
N VAL A 28 29.86 11.47 -16.39
CA VAL A 28 29.79 10.85 -17.71
C VAL A 28 31.09 11.11 -18.44
N MET A 29 31.79 10.04 -18.83
CA MET A 29 33.07 10.16 -19.47
C MET A 29 32.92 10.75 -20.87
N PRO A 30 33.99 11.37 -21.41
CA PRO A 30 33.95 11.77 -22.82
C PRO A 30 33.67 10.60 -23.75
N ASP A 31 34.15 9.40 -23.43
CA ASP A 31 33.79 8.21 -24.19
C ASP A 31 32.34 7.77 -23.96
N GLY A 32 31.62 8.43 -23.06
CA GLY A 32 30.24 8.12 -22.79
C GLY A 32 30.01 7.26 -21.56
N THR A 33 31.04 6.55 -21.10
CA THR A 33 30.92 5.68 -19.94
C THR A 33 30.51 6.48 -18.71
N GLU A 34 29.42 6.08 -18.08
CA GLU A 34 29.02 6.69 -16.81
C GLU A 34 29.77 6.03 -15.67
N ILE A 35 30.36 6.85 -14.80
CA ILE A 35 31.07 6.37 -13.62
C ILE A 35 30.05 6.30 -12.47
N PRO A 36 29.81 5.12 -11.90
CA PRO A 36 28.77 5.00 -10.87
C PRO A 36 29.10 5.81 -9.62
N VAL A 37 28.06 6.06 -8.82
CA VAL A 37 28.17 6.90 -7.63
C VAL A 37 28.68 6.05 -6.47
N ASP A 38 29.66 6.57 -5.74
CA ASP A 38 30.20 5.93 -4.55
C ASP A 38 29.21 6.14 -3.41
N ALA A 39 28.36 5.15 -3.17
CA ALA A 39 27.33 5.22 -2.15
C ALA A 39 27.82 4.81 -0.77
N THR A 40 29.13 4.58 -0.61
CA THR A 40 29.68 4.32 0.70
C THR A 40 30.02 5.61 1.44
N ARG A 41 30.11 6.73 0.72
CA ARG A 41 30.37 8.02 1.31
C ARG A 41 29.15 8.50 2.10
N PRO A 42 29.34 9.46 3.02
CA PRO A 42 28.20 9.94 3.81
C PRO A 42 27.05 10.42 2.95
N ASN A 43 25.84 10.11 3.39
CA ASN A 43 24.63 10.48 2.68
C ASN A 43 24.47 12.00 2.64
N PRO A 44 24.43 12.61 1.45
CA PRO A 44 24.27 14.06 1.34
C PRO A 44 22.90 14.59 1.76
N ASN A 45 22.05 13.79 2.41
CA ASN A 45 20.78 14.26 2.93
C ASN A 45 20.84 14.57 4.41
N GLY A 46 22.05 14.55 4.99
CA GLY A 46 22.26 14.91 6.38
C GLY A 46 22.13 13.78 7.38
N GLU A 47 21.44 12.70 7.01
CA GLU A 47 21.17 11.60 7.91
C GLU A 47 21.62 10.29 7.24
N GLU A 48 21.74 9.24 8.05
CA GLU A 48 22.02 7.90 7.54
C GLU A 48 20.82 7.02 7.78
N PHE A 49 20.34 6.37 6.72
CA PHE A 49 19.10 5.58 6.77
C PHE A 49 19.44 4.10 6.91
N ASP A 50 18.92 3.48 7.96
CA ASP A 50 19.18 2.05 8.19
C ASP A 50 18.40 1.20 7.20
N ASN A 51 17.08 1.32 7.19
CA ASN A 51 16.20 0.47 6.41
C ASN A 51 15.55 1.24 5.27
N LEU A 52 15.47 0.61 4.11
CA LEU A 52 14.79 1.18 2.94
C LEU A 52 13.81 0.15 2.41
N TYR A 53 12.52 0.49 2.41
CA TYR A 53 11.47 -0.40 1.94
C TYR A 53 10.94 0.09 0.61
N LEU A 54 10.89 -0.78 -0.38
CA LEU A 54 10.47 -0.43 -1.73
C LEU A 54 9.11 -1.06 -2.02
N ASP A 55 8.07 -0.24 -2.08
CA ASP A 55 6.80 -0.68 -2.67
C ASP A 55 7.05 -0.85 -4.16
N MET A 56 7.41 -2.06 -4.56
CA MET A 56 8.11 -2.27 -5.83
C MET A 56 7.23 -1.97 -7.03
N ASN A 57 5.92 -2.19 -6.93
CA ASN A 57 5.05 -1.97 -8.08
C ASN A 57 4.99 -0.51 -8.49
N GLY A 58 5.41 0.40 -7.63
CA GLY A 58 5.59 1.78 -8.03
C GLY A 58 6.77 2.01 -8.95
N ILE A 59 7.64 1.02 -9.12
CA ILE A 59 8.78 1.09 -10.03
C ILE A 59 8.43 0.33 -11.31
N VAL A 60 7.66 -0.75 -11.17
CA VAL A 60 7.32 -1.57 -12.32
C VAL A 60 6.42 -0.81 -13.29
N HIS A 61 5.43 -0.08 -12.75
CA HIS A 61 4.49 0.63 -13.63
C HIS A 61 5.16 1.70 -14.48
N PRO A 62 5.91 2.66 -13.93
CA PRO A 62 6.52 3.68 -14.79
C PRO A 62 7.52 3.12 -15.78
N CYS A 63 8.20 2.02 -15.45
CA CYS A 63 9.21 1.47 -16.35
C CYS A 63 8.63 0.59 -17.43
N SER A 64 7.38 0.14 -17.29
CA SER A 64 6.73 -0.73 -18.26
C SER A 64 5.85 0.02 -19.24
N HIS A 65 5.03 0.95 -18.76
CA HIS A 65 4.23 1.81 -19.63
C HIS A 65 4.51 3.26 -19.27
N PRO A 66 5.67 3.79 -19.67
CA PRO A 66 5.99 5.18 -19.37
C PRO A 66 5.08 6.12 -20.15
N GLU A 67 4.56 7.12 -19.46
CA GLU A 67 3.71 8.13 -20.08
C GLU A 67 4.49 9.29 -20.67
N ASP A 68 5.80 9.34 -20.43
CA ASP A 68 6.63 10.48 -20.85
C ASP A 68 7.65 10.13 -21.92
N LYS A 69 7.99 8.86 -22.09
CA LYS A 69 9.03 8.41 -23.00
C LYS A 69 8.50 7.27 -23.84
N PRO A 70 9.21 6.88 -24.90
CA PRO A 70 8.82 5.67 -25.65
C PRO A 70 8.85 4.42 -24.79
N ALA A 71 7.84 3.57 -24.96
CA ALA A 71 7.70 2.38 -24.15
C ALA A 71 8.77 1.35 -24.53
N PRO A 72 9.18 0.51 -23.58
CA PRO A 72 10.21 -0.49 -23.86
C PRO A 72 9.75 -1.52 -24.90
N LYS A 73 10.73 -2.13 -25.56
CA LYS A 73 10.46 -3.00 -26.70
C LYS A 73 9.98 -4.39 -26.27
N ASP A 74 10.47 -4.90 -25.14
CA ASP A 74 9.97 -6.17 -24.61
C ASP A 74 10.20 -6.20 -23.11
N GLU A 75 9.83 -7.33 -22.49
CA GLU A 75 9.95 -7.46 -21.04
C GLU A 75 11.39 -7.32 -20.56
N GLU A 76 12.35 -7.79 -21.34
CA GLU A 76 13.74 -7.69 -20.92
C GLU A 76 14.18 -6.24 -20.80
N GLU A 77 13.82 -5.40 -21.78
CA GLU A 77 14.17 -3.99 -21.68
C GLU A 77 13.43 -3.31 -20.54
N MET A 78 12.23 -3.79 -20.20
CA MET A 78 11.53 -3.29 -19.03
C MET A 78 12.30 -3.62 -17.75
N MET A 79 12.79 -4.86 -17.64
CA MET A 79 13.58 -5.23 -16.48
C MET A 79 14.84 -4.40 -16.39
N ILE A 80 15.44 -4.06 -17.53
CA ILE A 80 16.62 -3.22 -17.53
C ILE A 80 16.30 -1.85 -16.96
N GLU A 81 15.20 -1.24 -17.42
CA GLU A 81 14.78 0.05 -16.88
C GLU A 81 14.49 -0.08 -15.39
N ILE A 82 13.89 -1.19 -14.98
CA ILE A 82 13.60 -1.40 -13.56
C ILE A 82 14.90 -1.48 -12.77
N PHE A 83 15.93 -2.09 -13.35
CA PHE A 83 17.24 -2.13 -12.70
C PHE A 83 17.81 -0.72 -12.56
N LYS A 84 17.82 0.05 -13.66
CA LYS A 84 18.34 1.40 -13.63
C LYS A 84 17.57 2.28 -12.65
N TYR A 85 16.25 2.13 -12.62
CA TYR A 85 15.44 2.97 -11.74
C TYR A 85 15.68 2.60 -10.28
N THR A 86 15.64 1.31 -9.96
CA THR A 86 15.85 0.88 -8.58
C THR A 86 17.26 1.20 -8.12
N ASP A 87 18.26 1.03 -8.98
CA ASP A 87 19.62 1.40 -8.60
C ASP A 87 19.70 2.89 -8.26
N ARG A 88 19.03 3.73 -9.03
CA ARG A 88 19.03 5.16 -8.76
C ARG A 88 18.46 5.45 -7.38
N ILE A 89 17.40 4.74 -7.00
CA ILE A 89 16.80 4.94 -5.68
C ILE A 89 17.77 4.54 -4.58
N VAL A 90 18.37 3.35 -4.70
CA VAL A 90 19.27 2.88 -3.66
C VAL A 90 20.50 3.76 -3.58
N LYS A 91 20.94 4.33 -4.70
CA LYS A 91 22.04 5.29 -4.67
C LYS A 91 21.63 6.60 -4.01
N MET A 92 20.32 6.87 -3.91
CA MET A 92 19.81 8.06 -3.23
C MET A 92 19.72 7.85 -1.72
N VAL A 93 18.98 6.80 -1.31
CA VAL A 93 18.75 6.55 0.11
C VAL A 93 20.02 6.02 0.77
N ARG A 94 20.78 5.19 0.05
CA ARG A 94 21.96 4.53 0.59
C ARG A 94 21.63 3.83 1.91
N PRO A 95 20.76 2.82 1.90
CA PRO A 95 20.45 2.11 3.14
C PRO A 95 21.69 1.38 3.66
N ARG A 96 21.84 1.35 4.98
CA ARG A 96 23.02 0.78 5.60
C ARG A 96 22.78 -0.57 6.25
N LYS A 97 21.52 -0.96 6.49
CA LYS A 97 21.26 -2.21 7.19
C LYS A 97 20.33 -3.13 6.42
N ILE A 98 19.13 -2.65 6.11
CA ILE A 98 18.08 -3.50 5.56
C ILE A 98 17.55 -2.86 4.28
N LEU A 99 17.21 -3.70 3.30
CA LEU A 99 16.60 -3.28 2.05
C LEU A 99 15.55 -4.31 1.67
N MET A 100 14.28 -3.93 1.71
CA MET A 100 13.18 -4.86 1.42
C MET A 100 12.59 -4.55 0.05
N ILE A 101 12.48 -5.58 -0.77
CA ILE A 101 11.82 -5.48 -2.08
C ILE A 101 10.46 -6.15 -1.93
N ALA A 102 9.40 -5.35 -1.92
CA ALA A 102 8.05 -5.86 -1.69
C ALA A 102 7.23 -5.74 -2.97
N VAL A 103 6.97 -6.87 -3.61
CA VAL A 103 6.12 -6.95 -4.78
C VAL A 103 4.71 -7.36 -4.34
N ASP A 104 3.70 -6.75 -4.93
CA ASP A 104 2.32 -7.06 -4.57
C ASP A 104 2.05 -8.54 -4.77
N GLY A 105 1.67 -9.21 -3.68
CA GLY A 105 1.19 -10.58 -3.74
C GLY A 105 -0.32 -10.65 -3.67
N VAL A 106 -0.83 -11.87 -3.62
CA VAL A 106 -2.28 -12.08 -3.51
C VAL A 106 -2.78 -11.32 -2.29
N ALA A 107 -3.76 -10.43 -2.51
CA ALA A 107 -4.21 -9.47 -1.52
C ALA A 107 -5.54 -9.91 -0.92
N PRO A 108 -5.95 -9.31 0.20
CA PRO A 108 -7.27 -9.60 0.76
C PRO A 108 -8.39 -9.24 -0.22
N ARG A 109 -9.57 -9.83 0.04
CA ARG A 109 -10.71 -9.64 -0.86
C ARG A 109 -11.05 -8.17 -1.02
N ALA A 110 -10.93 -7.39 0.05
CA ALA A 110 -11.25 -5.96 -0.01
C ALA A 110 -10.33 -5.21 -0.98
N LYS A 111 -9.05 -5.58 -1.01
CA LYS A 111 -8.15 -4.95 -1.97
C LYS A 111 -8.37 -5.49 -3.38
N MET A 112 -8.75 -6.76 -3.50
CA MET A 112 -8.95 -7.34 -4.82
C MET A 112 -10.07 -6.64 -5.58
N ASN A 113 -11.12 -6.20 -4.87
CA ASN A 113 -12.20 -5.46 -5.52
C ASN A 113 -11.69 -4.13 -6.08
N GLN A 114 -10.76 -3.48 -5.38
CA GLN A 114 -10.15 -2.27 -5.94
C GLN A 114 -9.29 -2.62 -7.15
N GLN A 115 -8.49 -3.67 -7.04
CA GLN A 115 -7.65 -4.09 -8.15
C GLN A 115 -8.51 -4.52 -9.33
N ARG A 116 -9.63 -5.20 -9.06
CA ARG A 116 -10.56 -5.56 -10.11
C ARG A 116 -11.07 -4.32 -10.84
N SER A 117 -11.32 -3.25 -10.09
CA SER A 117 -11.85 -2.04 -10.71
C SER A 117 -10.80 -1.36 -11.60
N ARG A 118 -9.62 -1.07 -11.06
CA ARG A 118 -8.62 -0.38 -11.88
C ARG A 118 -8.17 -1.22 -13.07
N ARG A 119 -8.28 -2.55 -12.98
CA ARG A 119 -7.89 -3.41 -14.10
C ARG A 119 -9.00 -3.53 -15.13
N PHE A 120 -10.26 -3.55 -14.69
CA PHE A 120 -11.35 -3.51 -15.66
C PHE A 120 -11.37 -2.20 -16.43
N ARG A 121 -10.97 -1.10 -15.80
CA ARG A 121 -10.94 0.19 -16.48
C ARG A 121 -9.82 0.25 -17.51
N ALA A 122 -8.65 -0.29 -17.17
CA ALA A 122 -7.53 -0.31 -18.10
C ALA A 122 -7.90 -1.04 -19.39
N ALA A 123 -8.67 -2.13 -19.26
CA ALA A 123 -9.11 -2.86 -20.44
C ALA A 123 -10.06 -2.03 -21.29
N GLN A 124 -10.95 -1.26 -20.65
CA GLN A 124 -11.88 -0.44 -21.40
C GLN A 124 -11.20 0.79 -22.00
N GLU A 125 -10.25 1.40 -21.27
CA GLU A 125 -9.49 2.49 -21.86
C GLU A 125 -8.71 2.02 -23.08
N ALA A 126 -8.14 0.82 -23.01
CA ALA A 126 -7.40 0.29 -24.15
C ALA A 126 -8.31 0.00 -25.33
N LYS A 127 -9.50 -0.55 -25.07
CA LYS A 127 -10.45 -0.79 -26.15
C LYS A 127 -10.93 0.51 -26.76
N GLU A 128 -11.24 1.51 -25.92
CA GLU A 128 -11.73 2.79 -26.41
C GLU A 128 -10.65 3.62 -27.09
N LYS A 129 -9.37 3.37 -26.79
CA LYS A 129 -8.27 4.04 -27.47
C LYS A 129 -7.85 3.33 -28.74
N GLU A 130 -8.32 2.10 -28.98
CA GLU A 130 -8.12 1.44 -30.26
C GLU A 130 -9.32 1.58 -31.18
N GLU A 131 -10.53 1.71 -30.63
CA GLU A 131 -11.68 2.04 -31.47
C GLU A 131 -11.58 3.45 -32.03
N GLU A 132 -10.89 4.36 -31.31
CA GLU A 132 -10.67 5.70 -31.82
C GLU A 132 -9.59 5.74 -32.90
N LYS A 133 -8.77 4.69 -33.00
CA LYS A 133 -7.81 4.55 -34.08
C LYS A 133 -8.41 3.81 -35.29
N LYS A 134 -9.72 3.74 -35.38
CA LYS A 134 -10.40 3.13 -36.53
C LYS A 134 -11.37 4.12 -37.17
N LYS A 159 1.25 -6.39 -30.83
CA LYS A 159 0.41 -6.19 -29.64
C LYS A 159 1.15 -5.41 -28.56
N ALA A 160 0.50 -4.38 -28.03
CA ALA A 160 1.11 -3.57 -26.98
C ALA A 160 1.16 -4.35 -25.68
N PHE A 161 1.75 -3.73 -24.65
CA PHE A 161 1.89 -4.37 -23.35
C PHE A 161 0.65 -4.10 -22.51
N ASP A 162 0.02 -5.17 -22.06
CA ASP A 162 -1.13 -5.02 -21.16
C ASP A 162 -0.64 -4.63 -19.77
N SER A 163 -1.02 -3.42 -19.33
CA SER A 163 -0.64 -2.99 -17.99
C SER A 163 -1.17 -3.92 -16.92
N ASN A 164 -2.20 -4.71 -17.23
CA ASN A 164 -2.77 -5.63 -16.24
C ASN A 164 -1.85 -6.82 -15.98
N SER A 165 -0.77 -6.98 -16.74
CA SER A 165 0.21 -8.00 -16.42
C SER A 165 0.90 -7.74 -15.09
N ILE A 166 0.92 -6.48 -14.65
CA ILE A 166 1.47 -6.14 -13.34
C ILE A 166 0.42 -6.50 -12.28
N THR A 167 0.24 -7.81 -12.07
CA THR A 167 -0.77 -8.39 -11.19
C THR A 167 -0.18 -9.66 -10.63
N PRO A 168 -0.38 -9.95 -9.35
CA PRO A 168 0.18 -11.18 -8.75
C PRO A 168 -0.21 -12.43 -9.54
N GLY A 169 0.78 -13.28 -9.80
CA GLY A 169 0.54 -14.57 -10.42
C GLY A 169 0.63 -14.61 -11.92
N THR A 170 0.84 -13.48 -12.58
CA THR A 170 0.92 -13.45 -14.03
C THR A 170 2.26 -13.97 -14.51
N PRO A 171 2.35 -14.39 -15.77
CA PRO A 171 3.66 -14.72 -16.35
C PRO A 171 4.65 -13.57 -16.27
N PHE A 172 4.18 -12.33 -16.31
CA PHE A 172 5.09 -11.20 -16.22
C PHE A 172 5.77 -11.14 -14.86
N MET A 173 5.02 -11.38 -13.79
CA MET A 173 5.58 -11.36 -12.45
C MET A 173 6.61 -12.45 -12.21
N ASP A 174 6.55 -13.54 -12.98
CA ASP A 174 7.58 -14.58 -12.88
C ASP A 174 8.89 -14.10 -13.48
N ILE A 175 8.81 -13.40 -14.62
CA ILE A 175 9.99 -12.73 -15.17
C ILE A 175 10.56 -11.75 -14.17
N LEU A 176 9.69 -10.96 -13.53
CA LEU A 176 10.16 -9.94 -12.59
C LEU A 176 10.79 -10.57 -11.36
N ALA A 177 10.24 -11.69 -10.88
CA ALA A 177 10.81 -12.34 -9.72
C ALA A 177 12.23 -12.82 -10.02
N ALA A 178 12.43 -13.46 -11.17
CA ALA A 178 13.75 -13.93 -11.53
C ALA A 178 14.71 -12.78 -11.79
N SER A 179 14.20 -11.64 -12.27
CA SER A 179 15.07 -10.51 -12.56
C SER A 179 15.53 -9.82 -11.28
N LEU A 180 14.65 -9.70 -10.29
CA LEU A 180 15.05 -9.06 -9.04
C LEU A 180 16.01 -9.94 -8.24
N ARG A 181 15.81 -11.27 -8.28
CA ARG A 181 16.77 -12.16 -7.65
C ARG A 181 18.15 -11.99 -8.26
N TYR A 182 18.23 -11.90 -9.59
CA TYR A 182 19.52 -11.67 -10.23
C TYR A 182 20.11 -10.33 -9.82
N TRP A 183 19.34 -9.26 -9.96
CA TRP A 183 19.89 -7.92 -9.79
C TRP A 183 20.36 -7.68 -8.36
N CYS A 184 19.65 -8.22 -7.38
CA CYS A 184 20.09 -8.06 -5.99
C CYS A 184 21.38 -8.81 -5.74
N ALA A 185 21.46 -10.08 -6.17
CA ALA A 185 22.70 -10.83 -6.06
C ALA A 185 23.81 -10.13 -6.84
N TYR A 186 23.49 -9.54 -7.99
CA TYR A 186 24.49 -8.83 -8.77
C TYR A 186 25.01 -7.62 -8.01
N LYS A 187 24.10 -6.83 -7.42
CA LYS A 187 24.53 -5.66 -6.67
C LYS A 187 25.32 -6.07 -5.43
N LEU A 188 24.91 -7.15 -4.76
CA LEU A 188 25.68 -7.66 -3.63
C LEU A 188 27.10 -8.02 -4.06
N ASN A 189 27.29 -8.43 -5.32
CA ASN A 189 28.61 -8.76 -5.81
C ASN A 189 29.41 -7.51 -6.18
N THR A 190 28.79 -6.56 -6.86
CA THR A 190 29.51 -5.45 -7.48
C THR A 190 29.58 -4.22 -6.57
N ASP A 191 28.43 -3.71 -6.14
CA ASP A 191 28.38 -2.46 -5.38
C ASP A 191 29.00 -2.65 -4.00
N PRO A 192 30.09 -1.94 -3.66
CA PRO A 192 30.69 -2.10 -2.34
C PRO A 192 29.86 -1.51 -1.20
N ALA A 193 28.77 -0.81 -1.52
CA ALA A 193 27.87 -0.27 -0.50
C ALA A 193 26.78 -1.24 -0.10
N TRP A 194 26.78 -2.46 -0.64
CA TRP A 194 25.82 -3.49 -0.26
C TRP A 194 26.42 -4.59 0.60
N ALA A 195 27.70 -4.47 0.98
CA ALA A 195 28.37 -5.53 1.74
C ALA A 195 27.58 -5.89 3.00
N LYS A 196 27.41 -4.95 3.92
CA LYS A 196 26.69 -5.22 5.15
C LYS A 196 25.17 -5.14 4.97
N LEU A 197 24.68 -5.05 3.73
CA LEU A 197 23.27 -4.83 3.48
C LEU A 197 22.53 -6.16 3.40
N LYS A 198 21.44 -6.28 4.17
CA LYS A 198 20.59 -7.45 4.14
C LYS A 198 19.40 -7.18 3.22
N VAL A 199 19.29 -7.96 2.15
CA VAL A 199 18.27 -7.75 1.13
C VAL A 199 17.17 -8.79 1.33
N ILE A 200 15.95 -8.31 1.56
CA ILE A 200 14.79 -9.17 1.73
C ILE A 200 13.88 -8.97 0.52
N ILE A 201 13.55 -10.07 -0.16
CA ILE A 201 12.78 -10.04 -1.39
C ILE A 201 11.49 -10.83 -1.17
N SER A 202 10.37 -10.13 -1.09
CA SER A 202 9.05 -10.76 -0.97
C SER A 202 8.33 -10.56 -2.31
N ASP A 203 8.49 -11.54 -3.20
CA ASP A 203 7.97 -11.45 -4.56
C ASP A 203 6.46 -11.69 -4.60
N ALA A 204 5.90 -11.64 -5.81
CA ALA A 204 4.46 -11.75 -6.02
C ALA A 204 3.90 -13.14 -5.75
N THR A 205 4.73 -14.10 -5.37
CA THR A 205 4.22 -15.40 -4.97
C THR A 205 4.01 -15.50 -3.47
N VAL A 206 4.37 -14.45 -2.73
CA VAL A 206 4.14 -14.38 -1.30
C VAL A 206 2.90 -13.51 -1.05
N PRO A 207 1.84 -14.06 -0.48
CA PRO A 207 0.60 -13.28 -0.35
C PRO A 207 0.80 -12.01 0.47
N GLY A 208 0.01 -11.00 0.15
CA GLY A 208 0.08 -9.76 0.88
C GLY A 208 0.27 -8.56 -0.01
N GLU A 209 -0.48 -7.50 0.26
CA GLU A 209 -0.30 -6.24 -0.44
C GLU A 209 1.10 -5.69 -0.16
N GLY A 210 1.74 -5.16 -1.21
CA GLY A 210 3.13 -4.72 -1.07
C GLY A 210 3.35 -3.74 0.06
N GLU A 211 2.42 -2.77 0.22
CA GLU A 211 2.52 -1.83 1.33
C GLU A 211 2.50 -2.55 2.68
N HIS A 212 1.66 -3.57 2.80
CA HIS A 212 1.45 -4.22 4.09
C HIS A 212 2.40 -5.38 4.35
N LYS A 213 3.06 -5.90 3.32
CA LYS A 213 4.20 -6.78 3.59
C LYS A 213 5.35 -6.00 4.20
N ILE A 214 5.51 -4.74 3.79
CA ILE A 214 6.45 -3.84 4.45
C ILE A 214 5.98 -3.54 5.87
N MET A 215 4.70 -3.23 6.02
CA MET A 215 4.18 -2.83 7.31
C MET A 215 4.28 -3.96 8.33
N GLU A 216 4.08 -5.21 7.87
CA GLU A 216 4.19 -6.34 8.79
C GLU A 216 5.64 -6.61 9.16
N PHE A 217 6.58 -6.34 8.26
CA PHE A 217 7.99 -6.47 8.62
C PHE A 217 8.39 -5.44 9.67
N ILE A 218 7.90 -4.21 9.53
CA ILE A 218 8.22 -3.17 10.51
C ILE A 218 7.64 -3.52 11.87
N ARG A 219 6.41 -4.03 11.90
CA ARG A 219 5.80 -4.43 13.17
C ARG A 219 6.57 -5.58 13.82
N SER A 220 7.07 -6.52 13.02
CA SER A 220 7.78 -7.66 13.57
C SER A 220 9.11 -7.25 14.19
N GLN A 221 9.86 -6.39 13.49
CA GLN A 221 11.12 -5.91 14.02
C GLN A 221 10.92 -5.02 15.24
N ARG A 222 9.82 -4.26 15.25
CA ARG A 222 9.54 -3.36 16.37
C ARG A 222 9.26 -4.14 17.66
N SER A 223 8.58 -5.28 17.55
CA SER A 223 8.30 -6.13 18.70
C SER A 223 9.52 -6.91 19.17
N SER A 224 10.64 -6.83 18.46
CA SER A 224 11.84 -7.56 18.86
C SER A 224 12.47 -6.91 20.10
N PRO A 225 12.95 -7.71 21.06
CA PRO A 225 13.53 -7.12 22.27
C PRO A 225 14.83 -6.38 22.03
N GLU A 226 15.56 -6.70 20.98
CA GLU A 226 16.82 -6.06 20.67
C GLU A 226 16.67 -4.88 19.72
N HIS A 227 15.45 -4.50 19.39
CA HIS A 227 15.22 -3.52 18.34
C HIS A 227 15.78 -2.15 18.71
N ASN A 228 16.28 -1.44 17.70
CA ASN A 228 16.72 -0.08 17.89
C ASN A 228 15.51 0.86 17.81
N PRO A 229 15.16 1.57 18.88
CA PRO A 229 14.01 2.48 18.80
C PRO A 229 14.25 3.68 17.89
N ASN A 230 15.51 4.03 17.63
CA ASN A 230 15.85 5.18 16.79
C ASN A 230 16.26 4.76 15.39
N THR A 231 15.72 3.65 14.90
CA THR A 231 15.96 3.22 13.53
C THR A 231 15.41 4.27 12.56
N ARG A 232 16.21 4.63 11.55
CA ARG A 232 15.77 5.55 10.50
C ARG A 232 15.19 4.73 9.35
N HIS A 233 13.88 4.85 9.14
CA HIS A 233 13.18 4.12 8.10
C HIS A 233 12.91 5.03 6.90
N VAL A 234 12.94 4.43 5.71
CA VAL A 234 12.49 5.10 4.48
C VAL A 234 11.64 4.12 3.69
N ILE A 235 10.48 4.57 3.23
CA ILE A 235 9.60 3.76 2.39
C ILE A 235 9.35 4.53 1.09
N TYR A 236 9.41 3.80 -0.03
CA TYR A 236 9.26 4.40 -1.35
C TYR A 236 7.90 4.05 -1.95
N GLY A 237 7.26 5.04 -2.54
CA GLY A 237 6.00 4.84 -3.24
C GLY A 237 5.19 6.12 -3.27
N LEU A 238 4.24 6.16 -4.20
CA LEU A 238 3.32 7.28 -4.31
C LEU A 238 1.97 7.04 -3.66
N ASP A 239 1.60 5.78 -3.44
CA ASP A 239 0.38 5.42 -2.72
C ASP A 239 0.28 6.22 -1.42
N ALA A 240 -0.76 7.04 -1.31
CA ALA A 240 -0.97 7.85 -0.12
C ALA A 240 -1.13 6.99 1.13
N ASP A 241 -1.44 5.70 0.97
CA ASP A 241 -1.52 4.81 2.11
C ASP A 241 -0.20 4.72 2.86
N LEU A 242 0.92 4.97 2.18
CA LEU A 242 2.23 4.87 2.83
C LEU A 242 2.43 5.99 3.84
N ILE A 243 1.77 7.12 3.66
CA ILE A 243 1.82 8.18 4.66
C ILE A 243 1.09 7.76 5.93
N MET A 244 -0.12 7.21 5.77
CA MET A 244 -0.88 6.75 6.93
C MET A 244 -0.14 5.65 7.66
N LEU A 245 0.39 4.67 6.91
CA LEU A 245 1.10 3.56 7.53
C LEU A 245 2.38 4.04 8.20
N GLY A 246 3.07 5.01 7.60
CA GLY A 246 4.23 5.59 8.27
C GLY A 246 3.88 6.21 9.60
N LEU A 247 2.69 6.80 9.71
CA LEU A 247 2.21 7.29 11.00
C LEU A 247 1.84 6.14 11.93
N ALA A 248 1.28 5.05 11.38
CA ALA A 248 0.83 3.94 12.19
C ALA A 248 1.97 3.16 12.83
N THR A 249 3.19 3.25 12.30
CA THR A 249 4.31 2.53 12.91
C THR A 249 4.71 3.13 14.25
N HIS A 250 4.49 4.43 14.43
CA HIS A 250 4.96 5.17 15.59
C HIS A 250 6.47 5.03 15.77
N GLU A 251 7.16 4.83 14.65
CA GLU A 251 8.61 4.99 14.58
C GLU A 251 8.87 6.42 14.17
N PRO A 252 9.42 7.27 15.04
CA PRO A 252 9.52 8.70 14.70
C PRO A 252 10.43 8.98 13.53
N HIS A 253 11.55 8.28 13.43
CA HIS A 253 12.55 8.54 12.39
C HIS A 253 12.12 7.82 11.12
N PHE A 254 11.15 8.41 10.45
CA PHE A 254 10.48 7.78 9.33
C PHE A 254 10.26 8.80 8.23
N ARG A 255 10.69 8.48 7.01
CA ARG A 255 10.46 9.32 5.85
C ARG A 255 9.76 8.52 4.77
N VAL A 256 9.13 9.24 3.83
CA VAL A 256 8.55 8.64 2.64
C VAL A 256 9.26 9.23 1.44
N LEU A 257 9.79 8.37 0.58
CA LEU A 257 10.47 8.80 -0.62
C LEU A 257 9.51 8.69 -1.79
N ARG A 258 9.33 9.78 -2.53
CA ARG A 258 8.45 9.76 -3.69
C ARG A 258 8.93 10.76 -4.72
N GLU A 259 8.54 10.51 -5.97
CA GLU A 259 8.91 11.38 -7.07
C GLU A 259 8.16 12.70 -6.96
N ASP A 260 8.83 13.80 -7.34
CA ASP A 260 8.21 15.13 -7.31
C ASP A 260 7.16 15.19 -8.41
N VAL A 261 5.98 14.65 -8.10
CA VAL A 261 4.90 14.57 -9.08
C VAL A 261 4.47 15.96 -9.53
N PHE A 262 4.56 16.96 -8.64
CA PHE A 262 4.20 18.33 -8.98
C PHE A 262 5.45 19.09 -9.43
N PHE A 263 5.90 18.73 -10.62
CA PHE A 263 7.07 19.41 -11.20
C PHE A 263 6.65 20.15 -12.46
N GLN A 264 5.81 21.16 -12.30
CA GLN A 264 5.43 22.06 -13.38
C GLN A 264 5.60 23.50 -12.89
N GLU A 265 6.17 24.34 -13.74
CA GLU A 265 6.46 25.72 -13.37
C GLU A 265 6.44 26.65 -14.59
N LYS A 305 13.35 15.65 -13.21
CA LYS A 305 13.03 14.28 -12.79
C LYS A 305 13.39 13.97 -11.34
N PRO A 306 13.13 14.90 -10.38
CA PRO A 306 13.69 14.74 -9.04
C PRO A 306 12.80 13.97 -8.07
N PHE A 307 13.28 13.84 -6.84
CA PHE A 307 12.56 13.14 -5.78
C PHE A 307 12.42 14.07 -4.58
N ILE A 308 11.46 13.75 -3.70
CA ILE A 308 11.22 14.54 -2.51
C ILE A 308 11.05 13.60 -1.32
N TRP A 309 11.36 14.12 -0.14
CA TRP A 309 11.07 13.45 1.12
C TRP A 309 9.73 13.91 1.65
N LEU A 310 9.09 13.05 2.43
CA LEU A 310 7.96 13.44 3.27
C LEU A 310 8.30 12.99 4.69
N HIS A 311 8.57 13.96 5.56
CA HIS A 311 9.04 13.67 6.91
C HIS A 311 7.84 13.37 7.79
N VAL A 312 7.64 12.09 8.10
CA VAL A 312 6.60 11.72 9.04
C VAL A 312 6.88 12.30 10.41
N SER A 313 8.17 12.46 10.76
CA SER A 313 8.51 13.10 12.02
C SER A 313 7.98 14.53 12.07
N ILE A 314 8.07 15.25 10.95
CA ILE A 314 7.56 16.62 10.88
C ILE A 314 6.05 16.63 10.76
N LEU A 315 5.47 15.69 10.01
CA LEU A 315 4.02 15.58 9.97
C LEU A 315 3.45 15.38 11.36
N ARG A 316 4.17 14.64 12.21
CA ARG A 316 3.73 14.45 13.58
C ARG A 316 3.75 15.76 14.36
N GLU A 317 4.67 16.66 14.03
CA GLU A 317 4.68 17.98 14.67
C GLU A 317 3.46 18.79 14.25
N TYR A 318 3.10 18.73 12.97
CA TYR A 318 1.91 19.43 12.48
C TYR A 318 0.64 18.86 13.10
N LEU A 319 0.54 17.53 13.19
CA LEU A 319 -0.62 16.93 13.83
C LEU A 319 -0.65 17.24 15.32
N ALA A 320 0.51 17.43 15.94
CA ALA A 320 0.56 17.83 17.34
C ALA A 320 -0.14 19.17 17.55
N ALA A 321 0.14 20.15 16.68
CA ALA A 321 -0.45 21.48 16.83
C ALA A 321 -1.86 21.53 16.28
N GLU A 322 -2.17 20.64 15.33
CA GLU A 322 -3.51 20.63 14.75
C GLU A 322 -4.55 20.06 15.70
N LEU A 323 -4.15 19.12 16.57
CA LEU A 323 -5.10 18.30 17.30
C LEU A 323 -5.09 18.55 18.81
N GLU A 324 -4.13 19.28 19.35
CA GLU A 324 -4.02 19.43 20.79
C GLU A 324 -5.26 20.13 21.35
N VAL A 325 -5.85 19.53 22.38
CA VAL A 325 -7.06 20.04 23.01
C VAL A 325 -6.76 20.32 24.47
N PRO A 326 -6.95 21.55 24.95
CA PRO A 326 -6.73 21.85 26.36
C PRO A 326 -7.87 21.33 27.24
N ASN A 327 -7.52 21.03 28.49
CA ASN A 327 -8.47 20.57 29.50
C ASN A 327 -9.22 19.33 29.02
N LEU A 328 -8.48 18.21 29.03
CA LEU A 328 -9.25 16.99 28.82
C LEU A 328 -9.44 16.25 30.13
N PRO A 329 -10.56 15.55 30.31
CA PRO A 329 -10.72 14.72 31.52
C PRO A 329 -9.74 13.57 31.61
N PHE A 330 -9.14 13.16 30.50
CA PHE A 330 -8.15 12.09 30.47
C PHE A 330 -6.83 12.65 29.97
N ARG A 331 -5.77 11.86 30.12
CA ARG A 331 -4.44 12.29 29.73
C ARG A 331 -4.34 12.43 28.21
N TRP A 332 -3.74 13.53 27.77
CA TRP A 332 -3.52 13.77 26.35
C TRP A 332 -2.28 13.00 25.89
N ASP A 333 -2.44 12.19 24.84
CA ASP A 333 -1.36 11.37 24.29
C ASP A 333 -1.31 11.60 22.78
N LEU A 334 -0.24 12.25 22.31
CA LEU A 334 -0.09 12.50 20.88
C LEU A 334 -0.16 11.22 20.07
N GLU A 335 0.37 10.12 20.62
CA GLU A 335 0.37 8.86 19.88
C GLU A 335 -1.04 8.37 19.63
N ARG A 336 -1.89 8.44 20.66
CA ARG A 336 -3.27 8.01 20.49
C ARG A 336 -4.06 8.98 19.61
N ALA A 337 -3.64 10.24 19.57
CA ALA A 337 -4.30 11.23 18.71
C ALA A 337 -4.01 10.96 17.24
N ILE A 338 -2.76 10.63 16.91
CA ILE A 338 -2.41 10.29 15.54
C ILE A 338 -3.24 9.11 15.05
N ASP A 339 -3.47 8.12 15.91
CA ASP A 339 -4.28 6.98 15.53
C ASP A 339 -5.69 7.40 15.16
N ASP A 340 -6.30 8.27 15.98
CA ASP A 340 -7.65 8.72 15.67
C ASP A 340 -7.67 9.53 14.38
N TRP A 341 -6.64 10.35 14.15
CA TRP A 341 -6.56 11.10 12.90
C TRP A 341 -6.48 10.16 11.71
N VAL A 342 -5.62 9.13 11.81
CA VAL A 342 -5.54 8.12 10.75
C VAL A 342 -6.88 7.44 10.57
N PHE A 343 -7.54 7.09 11.68
CA PHE A 343 -8.86 6.48 11.59
C PHE A 343 -9.86 7.44 10.96
N LEU A 344 -9.81 8.72 11.34
CA LEU A 344 -10.76 9.69 10.80
C LEU A 344 -10.63 9.82 9.28
N CYS A 345 -9.39 9.79 8.78
CA CYS A 345 -9.16 9.93 7.35
C CYS A 345 -9.71 8.77 6.53
N PHE A 346 -10.12 7.65 7.16
CA PHE A 346 -10.76 6.59 6.40
C PHE A 346 -12.08 7.07 5.79
N PHE A 347 -12.75 8.03 6.44
CA PHE A 347 -14.04 8.51 5.97
C PHE A 347 -13.95 9.25 4.65
N VAL A 348 -12.79 9.81 4.30
CA VAL A 348 -12.66 10.57 3.06
C VAL A 348 -12.30 9.62 1.92
N GLY A 349 -12.28 8.33 2.21
CA GLY A 349 -12.13 7.33 1.17
C GLY A 349 -10.73 6.74 1.09
N ASN A 350 -10.67 5.49 0.68
CA ASN A 350 -9.42 4.79 0.40
C ASN A 350 -9.77 3.57 -0.46
N ASP A 351 -8.83 2.62 -0.55
CA ASP A 351 -9.06 1.45 -1.41
C ASP A 351 -10.18 0.56 -0.90
N PHE A 352 -10.55 0.66 0.38
CA PHE A 352 -11.46 -0.29 0.98
C PHE A 352 -12.83 0.27 1.31
N LEU A 353 -12.97 1.59 1.39
CA LEU A 353 -14.25 2.23 1.68
C LEU A 353 -14.40 3.47 0.80
N PRO A 354 -15.62 3.79 0.36
CA PRO A 354 -15.83 5.04 -0.37
C PRO A 354 -15.90 6.22 0.58
N HIS A 355 -15.62 7.40 0.03
CA HIS A 355 -15.80 8.63 0.79
C HIS A 355 -17.28 8.85 1.06
N LEU A 356 -17.58 9.33 2.28
CA LEU A 356 -18.92 9.76 2.59
C LEU A 356 -19.31 10.96 1.72
N PRO A 357 -20.57 11.07 1.32
CA PRO A 357 -20.96 12.16 0.40
C PRO A 357 -20.67 13.55 0.94
N ALA A 358 -20.69 13.72 2.27
CA ALA A 358 -20.37 15.02 2.84
C ALA A 358 -18.87 15.29 2.88
N LEU A 359 -18.04 14.25 2.83
CA LEU A 359 -16.60 14.38 3.05
C LEU A 359 -15.87 14.24 1.73
N GLU A 360 -15.25 15.33 1.28
CA GLU A 360 -14.37 15.33 0.12
C GLU A 360 -13.08 16.04 0.51
N ILE A 361 -11.95 15.47 0.08
CA ILE A 361 -10.67 16.02 0.51
C ILE A 361 -10.50 17.45 0.01
N ARG A 362 -10.94 17.72 -1.22
CA ARG A 362 -10.84 19.07 -1.78
C ARG A 362 -11.73 20.08 -1.06
N GLU A 363 -12.66 19.63 -0.23
CA GLU A 363 -13.52 20.50 0.57
C GLU A 363 -13.09 20.56 2.02
N ASN A 364 -11.82 20.29 2.31
CA ASN A 364 -11.30 20.25 3.68
C ASN A 364 -12.14 19.31 4.55
N GLY A 365 -12.53 18.17 3.98
CA GLY A 365 -13.30 17.19 4.73
C GLY A 365 -12.55 16.67 5.95
N ILE A 366 -11.22 16.55 5.84
CA ILE A 366 -10.40 16.16 6.99
C ILE A 366 -10.54 17.19 8.10
N ASP A 367 -10.59 18.48 7.73
CA ASP A 367 -10.78 19.53 8.71
C ASP A 367 -12.16 19.44 9.36
N THR A 368 -13.19 19.12 8.57
CA THR A 368 -14.51 18.89 9.15
C THR A 368 -14.46 17.80 10.21
N LEU A 369 -13.74 16.72 9.93
CA LEU A 369 -13.66 15.59 10.86
C LEU A 369 -12.89 15.97 12.11
N THR A 370 -11.70 16.56 11.95
CA THR A 370 -10.91 16.92 13.12
C THR A 370 -11.62 17.95 13.98
N ALA A 371 -12.46 18.79 13.37
CA ALA A 371 -13.28 19.71 14.15
C ALA A 371 -14.26 18.95 15.04
N ILE A 372 -15.03 18.04 14.44
CA ILE A 372 -16.00 17.26 15.19
C ILE A 372 -15.29 16.41 16.24
N TRP A 373 -14.11 15.89 15.91
CA TRP A 373 -13.36 15.07 16.85
C TRP A 373 -12.93 15.88 18.07
N LYS A 374 -12.53 17.13 17.86
CA LYS A 374 -12.15 17.96 19.00
C LYS A 374 -13.38 18.39 19.81
N ASP A 375 -14.52 18.57 19.16
CA ASP A 375 -15.72 18.99 19.89
C ASP A 375 -16.24 17.89 20.80
N ASN A 376 -16.07 16.63 20.42
CA ASN A 376 -16.63 15.52 21.16
C ASN A 376 -15.62 14.82 22.06
N LEU A 377 -14.33 15.16 21.96
CA LEU A 377 -13.32 14.43 22.69
C LEU A 377 -13.49 14.48 24.21
N PRO A 378 -13.86 15.61 24.83
CA PRO A 378 -14.05 15.58 26.29
C PRO A 378 -15.22 14.72 26.72
N ILE A 379 -16.35 14.77 25.99
CA ILE A 379 -17.53 14.02 26.41
C ILE A 379 -17.50 12.56 25.97
N MET A 380 -16.58 12.18 25.09
CA MET A 380 -16.46 10.78 24.70
C MET A 380 -15.95 9.91 25.84
N GLY A 381 -15.12 10.47 26.71
CA GLY A 381 -14.47 9.72 27.76
C GLY A 381 -13.16 9.08 27.38
N GLY A 382 -12.70 9.29 26.15
CA GLY A 382 -11.47 8.67 25.70
C GLY A 382 -11.33 8.84 24.19
N TYR A 383 -10.29 8.21 23.66
CA TYR A 383 -10.02 8.30 22.23
C TYR A 383 -10.89 7.31 21.45
N LEU A 384 -10.91 7.48 20.13
CA LEU A 384 -11.63 6.54 19.28
C LEU A 384 -10.89 5.21 19.18
N THR A 385 -9.56 5.26 19.17
CA THR A 385 -8.72 4.14 18.78
C THR A 385 -7.78 3.76 19.92
N LYS A 386 -7.63 2.45 20.14
CA LYS A 386 -6.58 1.91 21.01
C LYS A 386 -5.93 0.73 20.27
N ASP A 387 -4.74 0.96 19.74
CA ASP A 387 -3.92 -0.10 19.15
C ASP A 387 -4.68 -0.86 18.06
N GLY A 388 -5.39 -0.13 17.21
CA GLY A 388 -6.05 -0.74 16.07
C GLY A 388 -7.48 -1.19 16.29
N HIS A 389 -8.06 -0.93 17.46
CA HIS A 389 -9.44 -1.27 17.73
C HIS A 389 -10.28 -0.01 17.93
N VAL A 390 -11.54 -0.08 17.51
CA VAL A 390 -12.45 1.07 17.48
C VAL A 390 -13.48 0.92 18.58
N ASP A 391 -13.71 2.01 19.33
CA ASP A 391 -14.87 2.07 20.23
C ASP A 391 -16.01 2.66 19.42
N LEU A 392 -16.80 1.77 18.81
CA LEU A 392 -17.92 2.24 17.98
C LEU A 392 -18.90 3.09 18.76
N GLU A 393 -18.99 2.89 20.08
CA GLU A 393 -19.83 3.76 20.90
C GLU A 393 -19.31 5.19 20.86
N ARG A 394 -17.99 5.36 20.85
CA ARG A 394 -17.41 6.70 20.74
C ARG A 394 -17.49 7.21 19.30
N ALA A 395 -17.31 6.33 18.33
CA ALA A 395 -17.45 6.73 16.93
C ALA A 395 -18.85 7.23 16.63
N GLN A 396 -19.83 6.85 17.45
CA GLN A 396 -21.19 7.36 17.26
C GLN A 396 -21.23 8.87 17.42
N TYR A 397 -20.42 9.42 18.32
CA TYR A 397 -20.38 10.86 18.50
C TYR A 397 -19.93 11.55 17.23
N ILE A 398 -18.91 11.01 16.57
CA ILE A 398 -18.39 11.62 15.36
C ILE A 398 -19.45 11.67 14.27
N LEU A 399 -20.16 10.56 14.07
CA LEU A 399 -21.12 10.50 12.98
C LEU A 399 -22.38 11.25 13.31
N ASN A 400 -22.78 11.28 14.58
CA ASN A 400 -23.89 12.14 14.98
C ASN A 400 -23.56 13.60 14.72
N GLY A 401 -22.30 13.99 14.96
CA GLY A 401 -21.91 15.37 14.75
C GLY A 401 -21.82 15.74 13.28
N LEU A 402 -21.56 14.75 12.42
CA LEU A 402 -21.49 15.02 11.00
C LEU A 402 -22.87 15.02 10.36
N ALA A 403 -23.79 14.20 10.88
CA ALA A 403 -25.15 14.20 10.35
C ALA A 403 -25.82 15.55 10.54
N LYS A 404 -25.53 16.24 11.64
CA LYS A 404 -26.09 17.55 11.89
C LYS A 404 -25.60 18.59 10.91
N GLN A 405 -24.45 18.36 10.26
CA GLN A 405 -23.91 19.31 9.29
C GLN A 405 -24.08 18.87 7.84
N GLU A 406 -24.52 17.63 7.59
CA GLU A 406 -24.65 17.15 6.23
C GLU A 406 -25.53 18.06 5.38
N ASP A 407 -26.74 18.38 5.87
CA ASP A 407 -27.65 19.22 5.11
C ASP A 407 -26.97 20.52 4.70
N ALA A 408 -26.22 21.14 5.64
CA ALA A 408 -25.60 22.43 5.35
C ALA A 408 -24.38 22.28 4.43
N ILE A 409 -23.62 21.20 4.56
CA ILE A 409 -22.45 21.00 3.70
C ILE A 409 -22.86 20.95 2.24
N PHE A 410 -23.91 20.16 1.95
CA PHE A 410 -24.36 20.04 0.56
C PHE A 410 -24.83 21.37 0.00
N ARG A 411 -25.44 22.22 0.85
CA ARG A 411 -25.86 23.54 0.39
C ARG A 411 -24.66 24.43 0.12
N ARG A 412 -23.69 24.45 1.05
CA ARG A 412 -22.47 25.23 0.82
C ARG A 412 -21.76 24.77 -0.44
N ARG A 413 -21.86 23.49 -0.77
CA ARG A 413 -21.23 22.98 -1.99
C ARG A 413 -21.94 23.49 -3.23
N ARG A 414 -23.27 23.63 -3.18
CA ARG A 414 -24.00 24.16 -4.33
C ARG A 414 -23.73 25.65 -4.50
N GLU A 415 -23.65 26.40 -3.40
CA GLU A 415 -23.36 27.83 -3.49
C GLU A 415 -22.00 28.09 -4.12
N VAL A 416 -21.04 27.20 -3.89
CA VAL A 416 -19.75 27.31 -4.56
C VAL A 416 -19.89 27.01 -6.04
N GLU A 417 -20.63 25.95 -6.39
CA GLU A 417 -20.79 25.58 -7.79
C GLU A 417 -21.55 26.64 -8.58
N GLU A 418 -22.43 27.41 -7.91
CA GLU A 418 -23.15 28.47 -8.61
C GLU A 418 -22.26 29.67 -8.89
N ARG A 419 -21.33 29.97 -7.99
CA ARG A 419 -20.38 31.06 -8.22
C ARG A 419 -19.28 30.67 -9.20
N ARG A 420 -19.01 29.38 -9.35
CA ARG A 420 -18.05 28.93 -10.35
C ARG A 420 -18.57 29.13 -11.76
N GLU A 421 -19.90 29.14 -11.94
CA GLU A 421 -20.48 29.38 -13.25
C GLU A 421 -20.36 30.86 -13.63
N ALA A 422 -20.66 31.77 -12.70
CA ALA A 422 -20.55 33.20 -12.96
C ALA A 422 -19.11 33.69 -12.79
N VAL A 569 -25.81 16.05 -16.23
CA VAL A 569 -26.74 16.79 -15.40
C VAL A 569 -26.99 16.03 -14.10
N ASP A 570 -27.21 16.77 -13.01
CA ASP A 570 -27.39 16.18 -11.68
C ASP A 570 -28.86 15.90 -11.42
N THR A 571 -29.15 14.67 -10.97
CA THR A 571 -30.50 14.26 -10.64
C THR A 571 -30.68 13.93 -9.16
N VAL A 572 -29.64 14.03 -8.35
CA VAL A 572 -29.75 13.76 -6.92
C VAL A 572 -30.04 15.04 -6.15
N ARG A 573 -29.35 16.12 -6.48
CA ARG A 573 -29.59 17.45 -5.90
C ARG A 573 -29.52 17.40 -4.37
N LEU A 574 -28.28 17.22 -3.89
CA LEU A 574 -28.04 17.09 -2.45
C LEU A 574 -28.40 18.37 -1.69
N TRP A 575 -28.47 19.51 -2.36
CA TRP A 575 -28.85 20.76 -1.74
C TRP A 575 -30.36 20.97 -1.64
N GLU A 576 -31.16 20.03 -2.14
CA GLU A 576 -32.61 20.13 -2.15
C GLU A 576 -33.23 19.14 -1.18
N GLU A 577 -34.38 19.52 -0.61
CA GLU A 577 -35.06 18.68 0.37
C GLU A 577 -35.41 17.33 -0.24
N GLY A 578 -35.13 16.27 0.51
CA GLY A 578 -35.41 14.93 0.04
C GLY A 578 -34.30 14.29 -0.75
N TYR A 579 -33.06 14.76 -0.60
CA TYR A 579 -31.95 14.19 -1.36
C TYR A 579 -31.66 12.75 -0.93
N ALA A 580 -31.89 12.41 0.34
CA ALA A 580 -31.56 11.06 0.80
C ALA A 580 -32.41 10.02 0.10
N ASP A 581 -33.69 10.32 -0.12
CA ASP A 581 -34.53 9.38 -0.85
C ASP A 581 -34.10 9.25 -2.30
N ARG A 582 -33.66 10.36 -2.91
CA ARG A 582 -33.18 10.31 -4.29
C ARG A 582 -31.85 9.58 -4.39
N TYR A 583 -30.99 9.73 -3.37
CA TYR A 583 -29.67 9.12 -3.39
C TYR A 583 -29.77 7.60 -3.43
N TYR A 584 -30.52 7.02 -2.49
CA TYR A 584 -30.66 5.57 -2.48
C TYR A 584 -31.45 5.08 -3.68
N GLU A 585 -32.39 5.88 -4.18
CA GLU A 585 -33.17 5.46 -5.34
C GLU A 585 -32.30 5.39 -6.60
N GLN A 586 -31.36 6.32 -6.76
CA GLN A 586 -30.61 6.45 -8.01
C GLN A 586 -29.20 5.87 -7.94
N LYS A 587 -28.53 5.94 -6.80
CA LYS A 587 -27.16 5.44 -6.70
C LYS A 587 -27.12 4.00 -6.20
N PHE A 588 -27.64 3.75 -5.00
CA PHE A 588 -27.82 2.37 -4.55
C PHE A 588 -28.89 1.65 -5.35
N LYS A 589 -29.80 2.40 -5.98
CA LYS A 589 -30.86 1.82 -6.82
C LYS A 589 -31.75 0.87 -6.01
N VAL A 590 -32.15 1.31 -4.81
CA VAL A 590 -32.96 0.53 -3.90
C VAL A 590 -34.19 1.33 -3.51
N ASP A 591 -34.99 0.74 -2.62
CA ASP A 591 -36.24 1.33 -2.18
C ASP A 591 -35.96 2.55 -1.30
N PRO A 592 -36.44 3.74 -1.67
CA PRO A 592 -36.23 4.88 -0.79
C PRO A 592 -36.96 4.73 0.53
N LYS A 593 -38.03 3.94 0.56
CA LYS A 593 -38.81 3.75 1.77
C LYS A 593 -38.17 2.74 2.71
N ASP A 594 -37.27 1.89 2.22
CA ASP A 594 -36.58 0.93 3.07
C ASP A 594 -35.53 1.66 3.89
N ILE A 595 -35.88 1.98 5.13
CA ILE A 595 -34.93 2.68 5.99
C ILE A 595 -33.93 1.70 6.60
N GLU A 596 -34.38 0.48 6.92
CA GLU A 596 -33.48 -0.50 7.52
C GLU A 596 -32.31 -0.83 6.59
N PHE A 597 -32.52 -0.74 5.28
CA PHE A 597 -31.41 -0.93 4.36
C PHE A 597 -30.35 0.13 4.55
N ARG A 598 -30.77 1.37 4.80
CA ARG A 598 -29.80 2.43 5.02
C ARG A 598 -28.98 2.16 6.27
N HIS A 599 -29.62 1.66 7.33
CA HIS A 599 -28.89 1.32 8.53
C HIS A 599 -27.93 0.18 8.29
N LYS A 600 -28.32 -0.79 7.47
CA LYS A 600 -27.45 -1.91 7.13
C LYS A 600 -26.18 -1.41 6.43
N VAL A 601 -26.34 -0.52 5.45
CA VAL A 601 -25.18 0.06 4.79
C VAL A 601 -24.31 0.80 5.80
N GLY A 602 -24.94 1.46 6.77
CA GLY A 602 -24.16 2.08 7.83
C GLY A 602 -23.38 1.07 8.65
N ARG A 603 -24.02 -0.05 9.00
CA ARG A 603 -23.32 -1.08 9.75
C ARG A 603 -22.22 -1.73 8.92
N ALA A 604 -22.48 -1.89 7.61
CA ALA A 604 -21.45 -2.39 6.71
C ALA A 604 -20.25 -1.46 6.68
N TYR A 605 -20.49 -0.15 6.58
CA TYR A 605 -19.40 0.82 6.56
C TYR A 605 -18.67 0.83 7.89
N ALA A 606 -19.41 0.78 9.01
CA ALA A 606 -18.75 0.78 10.31
C ALA A 606 -17.91 -0.48 10.49
N GLU A 607 -18.42 -1.62 10.04
CA GLU A 607 -17.63 -2.85 10.04
C GLU A 607 -16.34 -2.67 9.24
N GLY A 608 -16.43 -1.95 8.12
CA GLY A 608 -15.25 -1.71 7.31
C GLY A 608 -14.22 -0.84 7.99
N LEU A 609 -14.67 0.17 8.74
CA LEU A 609 -13.75 1.00 9.50
C LEU A 609 -12.94 0.16 10.49
N ALA A 610 -13.59 -0.77 11.20
CA ALA A 610 -12.88 -1.62 12.13
C ALA A 610 -11.91 -2.53 11.41
N TRP A 611 -12.28 -2.96 10.19
CA TRP A 611 -11.41 -3.82 9.42
C TRP A 611 -10.15 -3.10 8.99
N VAL A 612 -10.30 -1.89 8.44
CA VAL A 612 -9.13 -1.16 7.94
C VAL A 612 -8.21 -0.78 9.09
N LEU A 613 -8.77 -0.46 10.25
CA LEU A 613 -7.93 -0.06 11.37
C LEU A 613 -7.11 -1.24 11.88
N GLN A 614 -7.69 -2.43 11.94
CA GLN A 614 -6.90 -3.59 12.33
C GLN A 614 -5.88 -3.94 11.25
N TYR A 615 -6.30 -3.88 9.99
CA TYR A 615 -5.41 -4.16 8.87
C TYR A 615 -4.16 -3.29 8.95
N TYR A 616 -4.34 -2.01 9.25
CA TYR A 616 -3.22 -1.06 9.24
C TYR A 616 -2.34 -1.21 10.47
N TYR A 617 -2.89 -1.65 11.60
CA TYR A 617 -2.16 -1.63 12.86
C TYR A 617 -1.74 -3.00 13.36
N GLN A 618 -2.46 -4.07 13.04
CA GLN A 618 -2.14 -5.39 13.55
C GLN A 618 -2.07 -6.48 12.48
N GLY A 619 -2.37 -6.17 11.23
CA GLY A 619 -2.41 -7.16 10.19
C GLY A 619 -3.83 -7.51 9.78
N CYS A 620 -3.96 -8.05 8.57
CA CYS A 620 -5.27 -8.31 7.99
C CYS A 620 -6.11 -9.21 8.90
N PRO A 621 -7.27 -8.76 9.35
CA PRO A 621 -8.08 -9.58 10.27
C PRO A 621 -8.99 -10.54 9.54
N SER A 622 -9.24 -10.28 8.25
CA SER A 622 -10.09 -11.14 7.44
C SER A 622 -9.71 -11.02 5.98
N TRP A 623 -9.29 -12.13 5.39
CA TRP A 623 -8.92 -12.11 3.98
C TRP A 623 -10.11 -12.20 3.04
N GLU A 624 -11.32 -12.42 3.57
CA GLU A 624 -12.50 -12.59 2.73
C GLU A 624 -13.48 -11.44 2.81
N TRP A 625 -13.39 -10.58 3.82
CA TRP A 625 -14.34 -9.50 4.00
C TRP A 625 -14.20 -8.44 2.90
N PHE A 626 -15.32 -7.84 2.52
CA PHE A 626 -15.31 -6.71 1.61
C PHE A 626 -16.60 -5.91 1.78
N TYR A 627 -16.49 -4.60 1.62
CA TYR A 627 -17.66 -3.71 1.62
C TYR A 627 -18.43 -3.89 0.31
N PRO A 628 -19.68 -4.34 0.36
CA PRO A 628 -20.34 -4.81 -0.86
C PRO A 628 -21.19 -3.77 -1.58
N TYR A 629 -20.86 -2.49 -1.46
CA TYR A 629 -21.61 -1.44 -2.11
C TYR A 629 -20.66 -0.49 -2.83
N HIS A 630 -21.17 0.16 -3.88
CA HIS A 630 -20.37 1.08 -4.66
C HIS A 630 -20.39 2.50 -4.13
N TYR A 631 -21.30 2.82 -3.21
CA TYR A 631 -21.43 4.16 -2.68
C TYR A 631 -21.43 4.13 -1.16
N ALA A 632 -21.10 5.26 -0.57
CA ALA A 632 -21.14 5.33 0.88
C ALA A 632 -22.51 5.79 1.36
N PRO A 633 -22.89 5.45 2.57
CA PRO A 633 -24.15 5.95 3.14
C PRO A 633 -23.94 7.36 3.69
N PHE A 634 -25.02 7.93 4.22
CA PHE A 634 -24.90 9.21 4.90
C PHE A 634 -24.51 9.01 6.35
N ALA A 635 -23.95 10.06 6.96
CA ALA A 635 -23.64 9.99 8.38
C ALA A 635 -24.90 9.79 9.21
N ALA A 636 -26.05 10.27 8.71
CA ALA A 636 -27.32 10.07 9.39
C ALA A 636 -27.72 8.61 9.47
N ASP A 637 -27.15 7.76 8.62
CA ASP A 637 -27.55 6.36 8.54
C ASP A 637 -26.77 5.46 9.48
N PHE A 638 -25.78 5.99 10.20
CA PHE A 638 -25.04 5.24 11.21
C PHE A 638 -25.81 5.34 12.52
N VAL A 639 -26.56 4.30 12.87
CA VAL A 639 -27.34 4.29 14.10
C VAL A 639 -27.02 3.02 14.89
N ASP A 640 -27.08 3.14 16.22
CA ASP A 640 -26.92 2.02 17.13
C ASP A 640 -25.59 1.30 16.96
N LEU A 641 -24.53 2.04 16.59
CA LEU A 641 -23.24 1.41 16.40
C LEU A 641 -22.67 0.80 17.68
N ALA A 642 -23.11 1.29 18.84
CA ALA A 642 -22.64 0.71 20.09
C ALA A 642 -23.14 -0.71 20.29
N LYS A 643 -24.19 -1.11 19.57
CA LYS A 643 -24.74 -2.45 19.67
C LYS A 643 -24.09 -3.45 18.72
N MET A 644 -23.14 -3.01 17.89
CA MET A 644 -22.47 -3.91 16.98
C MET A 644 -21.45 -4.77 17.73
N GLU A 645 -21.35 -6.03 17.33
CA GLU A 645 -20.35 -6.97 17.85
C GLU A 645 -19.59 -7.50 16.65
N ILE A 646 -18.42 -6.94 16.40
CA ILE A 646 -17.63 -7.24 15.21
C ILE A 646 -16.70 -8.41 15.49
N LYS A 647 -16.84 -9.48 14.72
CA LYS A 647 -15.94 -10.63 14.82
C LYS A 647 -15.44 -10.97 13.42
N PHE A 648 -14.12 -11.02 13.26
CA PHE A 648 -13.48 -11.27 11.99
C PHE A 648 -12.85 -12.66 11.97
N GLU A 649 -13.19 -13.45 10.96
CA GLU A 649 -12.51 -14.70 10.70
C GLU A 649 -11.38 -14.45 9.72
N LYS A 650 -10.21 -15.04 10.02
CA LYS A 650 -9.05 -14.82 9.15
C LYS A 650 -9.35 -15.20 7.71
N GLY A 651 -10.06 -16.32 7.52
CA GLY A 651 -10.52 -16.67 6.20
C GLY A 651 -9.47 -17.41 5.39
N ARG A 652 -9.82 -17.62 4.11
CA ARG A 652 -9.00 -18.41 3.20
C ARG A 652 -8.30 -17.48 2.21
N ILE A 653 -6.98 -17.55 2.17
CA ILE A 653 -6.22 -16.77 1.20
C ILE A 653 -6.39 -17.37 -0.19
N SER A 654 -6.57 -16.52 -1.18
CA SER A 654 -6.76 -16.99 -2.54
C SER A 654 -5.46 -17.55 -3.12
N ARG A 655 -5.60 -18.58 -3.95
CA ARG A 655 -4.49 -19.05 -4.75
C ARG A 655 -4.21 -18.06 -5.88
N PRO A 656 -3.01 -18.10 -6.45
CA PRO A 656 -2.68 -17.13 -7.52
C PRO A 656 -3.70 -17.11 -8.66
N PHE A 657 -4.15 -18.27 -9.14
CA PHE A 657 -5.08 -18.29 -10.28
C PHE A 657 -6.45 -17.79 -9.88
N GLU A 658 -6.90 -18.11 -8.67
CA GLU A 658 -8.16 -17.57 -8.18
C GLU A 658 -8.11 -16.05 -8.10
N GLN A 659 -7.02 -15.53 -7.53
CA GLN A 659 -6.86 -14.07 -7.48
C GLN A 659 -6.87 -13.46 -8.87
N LEU A 660 -6.27 -14.14 -9.85
CA LEU A 660 -6.30 -13.65 -11.22
C LEU A 660 -7.72 -13.57 -11.75
N MET A 661 -8.50 -14.63 -11.55
CA MET A 661 -9.90 -14.63 -11.97
C MET A 661 -10.74 -13.62 -11.20
N SER A 662 -10.22 -13.07 -10.09
CA SER A 662 -10.97 -12.14 -9.27
C SER A 662 -10.62 -10.68 -9.53
N VAL A 663 -9.61 -10.40 -10.36
CA VAL A 663 -9.17 -9.03 -10.56
C VAL A 663 -9.00 -8.72 -12.04
N LEU A 664 -8.96 -9.77 -12.88
CA LEU A 664 -8.74 -9.46 -14.29
C LEU A 664 -10.05 -9.50 -15.07
N PRO A 665 -10.15 -8.71 -16.15
CA PRO A 665 -11.28 -8.86 -17.07
C PRO A 665 -10.99 -9.92 -18.11
N ALA A 666 -11.96 -10.22 -18.97
CA ALA A 666 -11.73 -11.22 -20.01
C ALA A 666 -10.69 -10.78 -21.04
N ALA A 667 -10.49 -9.47 -21.23
CA ALA A 667 -9.51 -9.00 -22.20
C ALA A 667 -8.09 -9.31 -21.78
N SER A 668 -7.85 -9.65 -20.52
CA SER A 668 -6.51 -9.95 -20.03
C SER A 668 -6.30 -11.44 -19.78
N ARG A 669 -7.16 -12.28 -20.36
CA ARG A 669 -7.11 -13.71 -20.06
C ARG A 669 -5.82 -14.36 -20.53
N HIS A 670 -5.03 -13.67 -21.36
CA HIS A 670 -3.73 -14.20 -21.76
C HIS A 670 -2.86 -14.54 -20.54
N ALA A 671 -2.98 -13.77 -19.47
CA ALA A 671 -2.22 -14.03 -18.26
C ALA A 671 -2.80 -15.13 -17.40
N ILE A 672 -3.88 -15.77 -17.85
CA ILE A 672 -4.59 -16.79 -17.09
C ILE A 672 -4.44 -18.12 -17.82
N PRO A 673 -4.27 -19.25 -17.12
CA PRO A 673 -4.24 -20.54 -17.81
C PRO A 673 -5.46 -20.76 -18.68
N GLU A 674 -5.24 -21.35 -19.86
CA GLU A 674 -6.33 -21.47 -20.83
C GLU A 674 -7.46 -22.35 -20.35
N VAL A 675 -7.23 -23.19 -19.33
CA VAL A 675 -8.28 -24.07 -18.84
C VAL A 675 -9.43 -23.28 -18.26
N TYR A 676 -9.21 -22.02 -17.91
CA TYR A 676 -10.21 -21.17 -17.30
C TYR A 676 -10.89 -20.23 -18.27
N HIS A 677 -10.35 -20.08 -19.48
CA HIS A 677 -10.79 -19.02 -20.38
C HIS A 677 -12.27 -19.12 -20.74
N ASP A 678 -12.80 -20.34 -20.86
CA ASP A 678 -14.20 -20.48 -21.24
C ASP A 678 -15.12 -19.89 -20.19
N LEU A 679 -14.69 -19.86 -18.93
CA LEU A 679 -15.51 -19.30 -17.87
C LEU A 679 -15.70 -17.79 -18.03
N MET A 680 -14.80 -17.13 -18.75
CA MET A 680 -14.82 -15.68 -18.90
C MET A 680 -15.45 -15.21 -20.20
N THR A 681 -15.54 -16.07 -21.20
CA THR A 681 -15.97 -15.66 -22.53
C THR A 681 -17.22 -16.38 -23.06
N ASP A 682 -17.45 -17.62 -22.66
CA ASP A 682 -18.65 -18.33 -23.11
C ASP A 682 -19.88 -17.67 -22.50
N PRO A 683 -20.85 -17.23 -23.30
CA PRO A 683 -22.09 -16.70 -22.72
C PRO A 683 -22.86 -17.72 -21.89
N ASN A 684 -22.69 -19.01 -22.14
CA ASN A 684 -23.28 -20.05 -21.30
C ASN A 684 -22.44 -20.35 -20.07
N SER A 685 -21.38 -19.58 -19.81
CA SER A 685 -20.58 -19.82 -18.63
C SER A 685 -21.42 -19.59 -17.37
N PRO A 686 -21.27 -20.44 -16.35
CA PRO A 686 -22.05 -20.25 -15.11
C PRO A 686 -21.63 -19.02 -14.31
N ILE A 687 -20.53 -18.36 -14.67
CA ILE A 687 -20.09 -17.18 -13.92
C ILE A 687 -19.86 -16.03 -14.90
N ILE A 688 -20.51 -16.08 -16.06
CA ILE A 688 -20.34 -15.06 -17.08
C ILE A 688 -20.82 -13.70 -16.58
N ASP A 689 -21.69 -13.68 -15.56
CA ASP A 689 -22.14 -12.41 -15.00
C ASP A 689 -21.02 -11.67 -14.28
N PHE A 690 -19.87 -12.29 -14.07
CA PHE A 690 -18.75 -11.61 -13.43
C PHE A 690 -17.82 -10.89 -14.41
N TYR A 691 -17.97 -11.11 -15.72
CA TYR A 691 -17.03 -10.60 -16.72
C TYR A 691 -17.79 -9.87 -17.82
N PRO A 692 -18.29 -8.66 -17.52
CA PRO A 692 -18.97 -7.87 -18.57
C PRO A 692 -17.98 -7.16 -19.48
N GLU A 693 -18.27 -7.20 -20.78
CA GLU A 693 -17.42 -6.49 -21.74
C GLU A 693 -17.62 -4.99 -21.66
N GLU A 694 -18.84 -4.55 -21.36
CA GLU A 694 -19.17 -3.14 -21.17
C GLU A 694 -19.68 -2.94 -19.74
N PHE A 695 -19.31 -1.81 -19.14
CA PHE A 695 -19.82 -1.46 -17.82
C PHE A 695 -19.89 0.05 -17.68
N GLU A 696 -20.85 0.51 -16.87
CA GLU A 696 -21.08 1.93 -16.67
C GLU A 696 -20.13 2.48 -15.62
N ILE A 697 -19.63 3.69 -15.84
CA ILE A 697 -18.76 4.38 -14.89
C ILE A 697 -19.46 5.67 -14.46
N ASP A 698 -19.81 5.76 -13.18
CA ASP A 698 -20.54 6.91 -12.65
C ASP A 698 -19.55 7.98 -12.22
N LEU A 699 -19.59 9.13 -12.90
CA LEU A 699 -18.70 10.23 -12.55
C LEU A 699 -18.97 10.74 -11.15
N ASN A 700 -20.22 10.67 -10.70
CA ASN A 700 -20.61 11.04 -9.33
C ASN A 700 -20.21 12.48 -9.01
N GLY A 701 -20.41 13.36 -9.99
CA GLY A 701 -20.08 14.75 -9.86
C GLY A 701 -18.65 15.11 -10.24
N LYS A 702 -17.71 14.17 -10.09
CA LYS A 702 -16.32 14.45 -10.42
C LYS A 702 -16.17 14.74 -11.92
N LYS A 703 -15.03 15.31 -12.28
CA LYS A 703 -14.84 15.80 -13.64
C LYS A 703 -14.10 14.83 -14.55
N MET A 704 -13.10 14.12 -14.04
CA MET A 704 -12.29 13.25 -14.86
C MET A 704 -12.78 11.81 -14.81
N ALA A 705 -12.43 11.04 -15.85
CA ALA A 705 -12.92 9.67 -15.98
C ALA A 705 -12.21 8.70 -15.05
N TRP A 706 -10.94 8.95 -14.72
CA TRP A 706 -10.25 8.08 -13.77
C TRP A 706 -10.89 8.18 -12.38
N GLN A 707 -11.43 9.34 -12.03
CA GLN A 707 -12.28 9.46 -10.86
C GLN A 707 -13.64 8.85 -11.16
N GLY A 708 -14.42 8.65 -10.11
CA GLY A 708 -15.75 8.08 -10.27
C GLY A 708 -15.76 6.58 -10.01
N VAL A 709 -16.99 6.05 -10.00
CA VAL A 709 -17.24 4.68 -9.56
C VAL A 709 -17.46 3.79 -10.79
N ALA A 710 -16.82 2.62 -10.77
CA ALA A 710 -17.00 1.61 -11.82
C ALA A 710 -18.04 0.61 -11.33
N LEU A 711 -19.20 0.60 -11.97
CA LEU A 711 -20.32 -0.25 -11.53
C LEU A 711 -20.10 -1.66 -12.03
N LEU A 712 -19.26 -2.40 -11.30
CA LEU A 712 -18.94 -3.79 -11.57
C LEU A 712 -19.62 -4.70 -10.55
N PRO A 713 -20.13 -5.84 -10.97
CA PRO A 713 -20.76 -6.76 -10.02
C PRO A 713 -19.72 -7.35 -9.10
N PHE A 714 -20.12 -7.59 -7.86
CA PHE A 714 -19.22 -8.18 -6.87
C PHE A 714 -19.23 -9.69 -7.02
N ILE A 715 -18.04 -10.28 -7.07
CA ILE A 715 -17.93 -11.72 -7.26
C ILE A 715 -18.46 -12.45 -6.03
N GLU A 716 -19.36 -13.40 -6.27
CA GLU A 716 -19.74 -14.38 -5.25
C GLU A 716 -18.67 -15.45 -5.26
N MET A 717 -17.72 -15.34 -4.33
CA MET A 717 -16.51 -16.17 -4.39
C MET A 717 -16.78 -17.67 -4.40
N PRO A 718 -17.74 -18.22 -3.64
CA PRO A 718 -17.99 -19.67 -3.75
C PRO A 718 -18.35 -20.12 -5.17
N ARG A 719 -18.99 -19.25 -5.95
CA ARG A 719 -19.31 -19.60 -7.33
C ARG A 719 -18.04 -19.69 -8.17
N LEU A 720 -17.14 -18.71 -8.03
CA LEU A 720 -15.90 -18.70 -8.80
C LEU A 720 -15.01 -19.86 -8.43
N LEU A 721 -14.85 -20.12 -7.12
CA LEU A 721 -14.00 -21.22 -6.69
C LEU A 721 -14.56 -22.56 -7.13
N ALA A 722 -15.89 -22.70 -7.15
CA ALA A 722 -16.49 -23.95 -7.57
C ALA A 722 -16.24 -24.23 -9.04
N ALA A 723 -16.31 -23.20 -9.87
CA ALA A 723 -16.09 -23.38 -11.30
C ALA A 723 -14.63 -23.64 -11.61
N MET A 724 -13.72 -23.04 -10.84
CA MET A 724 -12.30 -23.26 -11.07
C MET A 724 -11.84 -24.62 -10.56
N LYS A 725 -12.51 -25.17 -9.54
CA LYS A 725 -12.11 -26.47 -9.05
C LYS A 725 -12.47 -27.56 -10.06
N GLU A 726 -13.59 -27.38 -10.77
CA GLU A 726 -14.02 -28.39 -11.73
C GLU A 726 -13.03 -28.53 -12.88
N ARG A 727 -12.10 -27.58 -13.01
CA ARG A 727 -11.17 -27.54 -14.13
C ARG A 727 -9.71 -27.68 -13.68
N GLU A 728 -9.46 -27.86 -12.38
CA GLU A 728 -8.08 -27.79 -11.90
C GLU A 728 -7.26 -29.02 -12.30
N HIS A 729 -7.90 -30.18 -12.47
CA HIS A 729 -7.15 -31.38 -12.83
C HIS A 729 -6.54 -31.29 -14.22
N LEU A 730 -6.91 -30.28 -15.01
CA LEU A 730 -6.38 -30.07 -16.35
C LEU A 730 -5.21 -29.10 -16.39
N LEU A 731 -4.81 -28.54 -15.25
CA LEU A 731 -3.62 -27.69 -15.21
C LEU A 731 -2.37 -28.53 -15.43
N SER A 732 -1.39 -27.93 -16.09
CA SER A 732 -0.12 -28.62 -16.27
C SER A 732 0.61 -28.72 -14.93
N GLU A 733 1.65 -29.57 -14.91
CA GLU A 733 2.44 -29.71 -13.69
C GLU A 733 3.17 -28.42 -13.36
N GLU A 734 3.64 -27.70 -14.39
CA GLU A 734 4.28 -26.41 -14.14
C GLU A 734 3.28 -25.37 -13.64
N ASP A 735 2.02 -25.44 -14.11
CA ASP A 735 1.02 -24.49 -13.66
C ASP A 735 0.53 -24.79 -12.25
N ARG A 736 0.36 -26.07 -11.91
CA ARG A 736 0.02 -26.43 -10.54
C ARG A 736 1.04 -25.86 -9.56
N ALA A 737 2.33 -25.93 -9.92
CA ALA A 737 3.37 -25.39 -9.05
C ALA A 737 3.31 -23.86 -8.99
N ARG A 738 2.95 -23.21 -10.09
CA ARG A 738 2.79 -21.76 -10.08
C ARG A 738 1.62 -21.31 -9.21
N ASN A 739 0.68 -22.21 -8.92
CA ASN A 739 -0.49 -21.89 -8.11
C ASN A 739 -0.25 -22.11 -6.62
N GLU A 740 1.01 -22.21 -6.20
CA GLU A 740 1.37 -22.43 -4.81
C GLU A 740 2.11 -21.22 -4.25
N PRO A 741 1.99 -20.95 -2.95
CA PRO A 741 2.63 -19.76 -2.38
C PRO A 741 4.13 -19.93 -2.19
N GLY A 742 4.87 -18.89 -2.52
CA GLY A 742 6.30 -18.83 -2.31
C GLY A 742 6.63 -18.39 -0.90
N PHE A 743 7.87 -17.90 -0.73
CA PHE A 743 8.30 -17.41 0.57
C PHE A 743 9.28 -16.27 0.39
N ASP A 744 9.55 -15.59 1.49
CA ASP A 744 10.53 -14.50 1.51
C ASP A 744 11.93 -15.07 1.59
N VAL A 745 12.88 -14.34 1.00
CA VAL A 745 14.28 -14.75 1.00
C VAL A 745 15.14 -13.59 1.48
N LEU A 746 16.22 -13.94 2.17
CA LEU A 746 17.23 -13.00 2.61
C LEU A 746 18.49 -13.21 1.78
N LEU A 747 19.06 -12.13 1.27
CA LEU A 747 20.29 -12.17 0.50
C LEU A 747 21.33 -11.28 1.16
N ILE A 748 22.51 -11.84 1.41
CA ILE A 748 23.63 -11.10 1.93
C ILE A 748 24.87 -11.47 1.13
N SER A 749 25.93 -10.69 1.30
CA SER A 749 27.21 -11.02 0.69
C SER A 749 28.05 -11.85 1.66
N ASP A 750 29.15 -12.41 1.15
CA ASP A 750 30.08 -13.10 2.03
C ASP A 750 30.90 -12.15 2.87
N ALA A 751 30.72 -10.83 2.70
CA ALA A 751 31.41 -9.84 3.50
C ALA A 751 30.53 -9.31 4.64
N HIS A 752 29.32 -9.79 4.79
CA HIS A 752 28.46 -9.37 5.91
C HIS A 752 28.99 -9.99 7.19
N PRO A 753 29.45 -9.21 8.16
CA PRO A 753 30.04 -9.79 9.37
C PRO A 753 29.00 -10.51 10.21
N GLY A 754 29.39 -11.67 10.72
CA GLY A 754 28.55 -12.43 11.64
C GLY A 754 27.48 -13.26 10.97
N LEU A 755 26.55 -12.60 10.29
CA LEU A 755 25.39 -13.31 9.75
C LEU A 755 25.79 -14.31 8.67
N TYR A 756 26.78 -13.96 7.83
CA TYR A 756 27.23 -14.92 6.81
C TYR A 756 27.96 -16.09 7.43
N GLU A 757 28.84 -15.83 8.39
CA GLU A 757 29.51 -16.91 9.11
C GLU A 757 28.52 -17.80 9.83
N ASP A 758 27.39 -17.25 10.28
CA ASP A 758 26.39 -18.05 10.98
C ASP A 758 25.71 -19.02 10.04
N ILE A 759 25.25 -18.55 8.89
CA ILE A 759 24.42 -19.40 8.04
C ILE A 759 25.26 -20.43 7.29
N THR A 760 26.53 -20.12 7.00
CA THR A 760 27.39 -21.14 6.41
C THR A 760 27.69 -22.26 7.40
N SER A 761 27.71 -21.94 8.70
CA SER A 761 27.96 -22.96 9.72
C SER A 761 26.75 -23.86 9.92
N HIS A 762 25.55 -23.27 10.02
CA HIS A 762 24.37 -24.08 10.27
C HIS A 762 23.98 -24.88 9.04
N PHE A 763 24.08 -24.28 7.85
CA PHE A 763 23.44 -24.83 6.66
C PHE A 763 24.39 -25.46 5.66
N TYR A 764 25.58 -24.90 5.44
CA TYR A 764 26.42 -25.31 4.32
C TYR A 764 27.86 -25.58 4.76
N SER A 765 28.05 -26.10 5.97
CA SER A 765 29.37 -26.52 6.42
C SER A 765 29.48 -28.05 6.35
N LYS A 766 30.40 -28.61 7.13
CA LYS A 766 30.48 -30.06 7.29
C LYS A 766 29.73 -30.56 8.51
N LYS A 767 29.76 -29.81 9.61
CA LYS A 767 28.99 -30.16 10.80
C LYS A 767 27.68 -29.38 10.84
N GLN A 768 26.82 -29.68 9.86
CA GLN A 768 25.54 -28.99 9.76
C GLN A 768 24.59 -29.45 10.87
N GLY A 769 23.76 -28.52 11.32
CA GLY A 769 22.78 -28.80 12.34
C GLY A 769 21.35 -28.73 11.82
N ALA A 770 20.49 -28.05 12.56
CA ALA A 770 19.09 -27.93 12.14
C ALA A 770 19.00 -27.07 10.89
N PRO A 771 18.06 -27.37 9.98
CA PRO A 771 17.95 -26.58 8.75
C PRO A 771 17.21 -25.28 8.96
N LYS A 772 17.12 -24.82 10.21
CA LYS A 772 16.46 -23.57 10.55
C LYS A 772 16.91 -23.14 11.92
N PHE A 773 17.29 -21.87 12.06
CA PHE A 773 17.68 -21.33 13.35
C PHE A 773 17.23 -19.89 13.46
N LYS A 774 17.01 -19.46 14.70
CA LYS A 774 16.61 -18.07 14.96
C LYS A 774 17.84 -17.17 14.89
N LEU A 775 17.61 -15.93 14.45
CA LEU A 775 18.69 -14.97 14.31
C LEU A 775 18.91 -14.23 15.63
N ASN A 776 20.18 -14.06 15.98
CA ASN A 776 20.52 -13.20 17.10
C ASN A 776 20.82 -11.80 16.58
N PRO A 777 20.02 -10.79 16.95
CA PRO A 777 20.22 -9.44 16.40
C PRO A 777 21.57 -8.81 16.69
N ARG A 778 22.47 -9.45 17.44
CA ARG A 778 23.81 -8.92 17.60
C ARG A 778 24.77 -9.46 16.56
N ARG A 779 24.54 -10.70 16.08
CA ARG A 779 25.33 -11.24 14.99
C ARG A 779 24.84 -10.70 13.65
N SER A 780 23.53 -10.71 13.42
CA SER A 780 22.97 -9.98 12.29
C SER A 780 22.88 -8.50 12.61
N ASP A 781 22.81 -7.68 11.57
CA ASP A 781 22.84 -6.23 11.75
C ASP A 781 21.47 -5.73 12.22
N GLY A 782 21.07 -6.22 13.39
CA GLY A 782 19.78 -5.89 13.97
C GLY A 782 18.61 -6.66 13.42
N LEU A 783 18.83 -7.61 12.52
CA LEU A 783 17.72 -8.35 11.93
C LEU A 783 17.26 -9.44 12.90
N ALA A 784 15.94 -9.49 13.12
CA ALA A 784 15.34 -10.49 13.98
C ALA A 784 14.51 -11.46 13.15
N GLY A 785 14.38 -12.68 13.64
CA GLY A 785 13.59 -13.71 13.00
C GLY A 785 14.39 -14.97 12.80
N LYS A 786 13.83 -15.88 11.99
CA LYS A 786 14.46 -17.15 11.68
C LYS A 786 14.85 -17.20 10.21
N VAL A 787 15.84 -18.03 9.90
CA VAL A 787 16.19 -18.34 8.52
C VAL A 787 16.17 -19.85 8.33
N GLU A 788 15.79 -20.27 7.13
CA GLU A 788 15.64 -21.67 6.78
C GLU A 788 16.48 -21.95 5.54
N LYS A 789 17.11 -23.13 5.52
CA LYS A 789 17.94 -23.51 4.40
C LYS A 789 17.07 -23.84 3.19
N ILE A 790 17.43 -23.29 2.03
CA ILE A 790 16.71 -23.56 0.79
C ILE A 790 17.22 -24.87 0.19
N GLU A 791 16.30 -25.80 -0.07
CA GLU A 791 16.68 -27.09 -0.62
C GLU A 791 16.85 -27.00 -2.13
N GLY A 792 17.86 -27.70 -2.64
CA GLY A 792 18.20 -27.62 -4.04
C GLY A 792 19.08 -26.45 -4.41
N TYR A 793 19.54 -25.66 -3.43
CA TYR A 793 20.36 -24.49 -3.68
C TYR A 793 21.73 -24.75 -3.07
N VAL A 794 22.77 -24.64 -3.89
CA VAL A 794 24.15 -24.69 -3.44
C VAL A 794 24.73 -23.28 -3.59
N PRO A 795 25.31 -22.72 -2.53
CA PRO A 795 25.76 -21.32 -2.60
C PRO A 795 27.01 -21.18 -3.45
N HIS A 796 27.28 -19.93 -3.83
CA HIS A 796 28.54 -19.54 -4.47
C HIS A 796 28.79 -20.28 -5.77
N GLY A 797 27.72 -20.59 -6.48
CA GLY A 797 27.85 -21.15 -7.81
C GLY A 797 28.14 -20.07 -8.82
N SER A 798 27.40 -20.05 -9.92
CA SER A 798 27.54 -19.03 -10.95
C SER A 798 26.21 -18.30 -11.06
N LEU A 799 26.23 -16.99 -10.87
CA LEU A 799 25.03 -16.16 -11.03
C LEU A 799 24.76 -15.97 -12.51
N VAL A 800 23.69 -16.57 -13.02
CA VAL A 800 23.37 -16.55 -14.44
C VAL A 800 22.25 -15.54 -14.69
N TYR A 801 22.47 -14.64 -15.63
CA TYR A 801 21.46 -13.67 -16.02
C TYR A 801 20.27 -14.39 -16.64
N PRO A 802 19.05 -14.25 -16.11
CA PRO A 802 17.94 -15.12 -16.51
C PRO A 802 17.35 -14.81 -17.87
N LEU A 803 17.56 -13.62 -18.42
CA LEU A 803 16.88 -13.23 -19.64
C LEU A 803 17.70 -13.60 -20.86
N ALA A 804 17.06 -13.54 -22.02
CA ALA A 804 17.60 -14.20 -23.21
C ALA A 804 18.72 -13.41 -23.88
N ARG A 805 18.62 -12.08 -23.95
CA ARG A 805 19.59 -11.31 -24.72
C ARG A 805 20.91 -11.09 -24.01
N ASN A 806 21.08 -11.61 -22.80
CA ASN A 806 22.33 -11.51 -22.04
C ASN A 806 22.85 -10.08 -22.03
N SER A 807 21.97 -9.15 -21.68
CA SER A 807 22.30 -7.73 -21.56
C SER A 807 22.85 -7.38 -20.18
N MET A 808 22.99 -8.36 -19.30
CA MET A 808 23.62 -8.20 -18.00
C MET A 808 24.55 -9.38 -17.79
N PRO A 809 25.63 -9.19 -17.03
CA PRO A 809 26.70 -10.21 -17.00
C PRO A 809 26.40 -11.36 -16.06
N ASP A 810 26.80 -12.56 -16.49
CA ASP A 810 26.90 -13.68 -15.57
C ASP A 810 28.10 -13.47 -14.66
N VAL A 811 27.92 -13.74 -13.37
CA VAL A 811 29.01 -13.67 -12.39
C VAL A 811 29.47 -15.08 -12.10
N ASP A 812 30.73 -15.37 -12.47
CA ASP A 812 31.20 -16.75 -12.42
C ASP A 812 31.24 -17.29 -11.00
N TYR A 813 31.64 -16.47 -10.04
CA TYR A 813 31.63 -16.84 -8.63
C TYR A 813 30.67 -15.91 -7.90
N ASP A 814 29.47 -16.42 -7.60
CA ASP A 814 28.46 -15.63 -6.91
C ASP A 814 28.86 -15.44 -5.45
N ARG A 815 29.24 -14.22 -5.09
CA ARG A 815 29.64 -13.95 -3.71
C ARG A 815 28.45 -13.89 -2.75
N SER A 816 27.23 -13.93 -3.27
CA SER A 816 26.05 -13.82 -2.43
C SER A 816 25.56 -15.20 -2.01
N ILE A 817 24.71 -15.21 -0.99
CA ILE A 817 24.09 -16.42 -0.48
C ILE A 817 22.64 -16.11 -0.13
N THR A 818 21.74 -17.00 -0.51
CA THR A 818 20.30 -16.81 -0.33
C THR A 818 19.76 -17.83 0.65
N VAL A 819 18.98 -17.36 1.63
CA VAL A 819 18.27 -18.22 2.56
C VAL A 819 16.83 -17.74 2.70
N ARG A 820 15.96 -18.65 3.12
CA ARG A 820 14.58 -18.30 3.40
C ARG A 820 14.52 -17.47 4.68
N TYR A 821 13.79 -16.36 4.63
CA TYR A 821 13.63 -15.47 5.79
C TYR A 821 12.23 -15.63 6.37
N ILE A 822 12.16 -15.63 7.70
CA ILE A 822 10.92 -15.83 8.44
C ILE A 822 10.84 -14.72 9.47
N MET A 823 9.87 -13.82 9.32
CA MET A 823 9.72 -12.72 10.26
C MET A 823 9.36 -13.26 11.65
N PRO A 824 9.78 -12.58 12.71
CA PRO A 824 9.35 -12.97 14.05
C PRO A 824 7.86 -12.74 14.23
N SER A 825 7.22 -13.63 14.99
CA SER A 825 5.80 -13.53 15.29
C SER A 825 5.63 -13.60 16.80
N SER A 826 5.30 -12.48 17.42
CA SER A 826 5.12 -12.39 18.85
C SER A 826 3.65 -12.22 19.19
N ALA A 827 3.24 -12.80 20.32
CA ALA A 827 1.87 -12.63 20.79
C ALA A 827 1.59 -11.21 21.25
N HIS A 828 2.63 -10.45 21.58
CA HIS A 828 2.46 -9.05 21.97
C HIS A 828 2.04 -8.22 20.76
N GLN A 829 0.92 -7.52 20.89
CA GLN A 829 0.40 -6.76 19.76
C GLN A 829 1.22 -5.51 19.51
N HIS A 830 0.98 -4.91 18.35
CA HIS A 830 1.64 -3.65 17.99
C HIS A 830 1.06 -2.52 18.82
N LYS A 831 1.89 -1.92 19.68
CA LYS A 831 1.46 -0.87 20.58
C LYS A 831 1.70 0.50 19.97
N SER A 832 0.70 1.38 20.04
CA SER A 832 0.80 2.75 19.53
C SER A 832 1.39 3.61 20.64
N MET A 833 2.72 3.64 20.69
CA MET A 833 3.43 4.32 21.76
C MET A 833 4.85 4.61 21.30
N LEU A 834 5.55 5.46 22.05
CA LEU A 834 6.96 5.71 21.83
C LEU A 834 7.77 4.71 22.64
N LEU A 835 8.55 3.87 21.95
CA LEU A 835 9.31 2.82 22.60
C LEU A 835 10.33 3.42 23.57
N ARG A 836 10.69 2.61 24.57
CA ARG A 836 11.72 3.00 25.52
C ARG A 836 13.03 3.28 24.78
N GLY A 837 13.68 4.37 25.15
CA GLY A 837 14.97 4.71 24.58
C GLY A 837 14.94 5.53 23.31
N VAL A 838 13.76 5.96 22.87
CA VAL A 838 13.66 6.78 21.67
C VAL A 838 14.14 8.18 21.97
N LYS A 839 14.76 8.80 20.97
CA LYS A 839 15.22 10.19 21.04
C LYS A 839 14.61 10.91 19.85
N LEU A 840 13.63 11.79 20.13
CA LEU A 840 12.93 12.47 19.06
C LEU A 840 13.88 13.37 18.27
N PRO A 841 13.59 13.59 16.98
CA PRO A 841 14.40 14.54 16.22
C PRO A 841 14.21 15.94 16.74
N PRO A 842 15.19 16.82 16.56
CA PRO A 842 15.01 18.23 16.92
C PRO A 842 13.86 18.83 16.15
N PRO A 843 13.03 19.64 16.80
CA PRO A 843 11.77 20.10 16.17
C PRO A 843 12.05 20.96 14.95
N ALA A 844 11.28 20.70 13.88
CA ALA A 844 11.40 21.45 12.63
C ALA A 844 10.49 22.67 12.58
N LEU A 845 9.40 22.67 13.35
CA LEU A 845 8.44 23.75 13.36
C LEU A 845 8.80 24.78 14.43
N SER A 846 8.55 26.05 14.13
CA SER A 846 8.84 27.15 15.04
C SER A 846 7.57 27.58 15.76
N ARG A 847 7.73 28.48 16.74
CA ARG A 847 6.56 29.07 17.38
C ARG A 847 5.70 29.80 16.36
N SER A 848 6.33 30.42 15.36
CA SER A 848 5.58 30.99 14.25
C SER A 848 4.78 29.91 13.52
N ASP A 849 5.44 28.79 13.19
CA ASP A 849 4.75 27.66 12.57
C ASP A 849 3.57 27.19 13.41
N ILE A 850 3.80 26.95 14.70
CA ILE A 850 2.77 26.35 15.56
C ILE A 850 1.59 27.29 15.72
N GLU A 851 1.85 28.58 15.96
CA GLU A 851 0.75 29.51 16.18
C GLU A 851 -0.09 29.71 14.92
N ILE A 852 0.51 29.55 13.74
CA ILE A 852 -0.27 29.62 12.51
C ILE A 852 -1.20 28.42 12.40
N ILE A 853 -0.71 27.23 12.73
CA ILE A 853 -1.53 26.03 12.65
C ILE A 853 -2.67 26.09 13.68
N ARG A 854 -2.39 26.63 14.87
CA ARG A 854 -3.43 26.73 15.90
C ARG A 854 -4.50 27.75 15.51
N SER A 855 -4.07 28.93 15.05
CA SER A 855 -5.04 29.97 14.69
C SER A 855 -5.92 29.55 13.54
N LYS A 856 -5.41 28.70 12.64
CA LYS A 856 -6.24 28.22 11.52
C LYS A 856 -7.13 27.08 11.95
N ALA A 857 -6.66 26.22 12.86
CA ALA A 857 -7.44 25.08 13.31
C ALA A 857 -8.71 25.49 14.04
N LYS A 858 -8.75 26.70 14.60
CA LYS A 858 -9.94 27.22 15.25
C LYS A 858 -11.00 27.68 14.25
N ASN A 859 -10.84 27.36 12.97
CA ASN A 859 -11.79 27.79 11.93
C ASN A 859 -12.21 26.62 11.05
#